data_4KRO
#
_entry.id   4KRO
#
_cell.length_a   66.207
_cell.length_b   96.288
_cell.length_c   128.097
_cell.angle_alpha   90.00
_cell.angle_beta   100.68
_cell.angle_gamma   90.00
#
_symmetry.space_group_name_H-M   'P 1 21 1'
#
loop_
_entity.id
_entity.type
_entity.pdbx_description
1 polymer 'Epidermal growth factor receptor'
2 polymer 'Nanobody/VHH domain EgA1'
3 polymer 'Cetuximab light chain'
4 polymer 'Cetuximab heavy chain'
5 branched 2-acetamido-2-deoxy-beta-D-glucopyranose-(1-4)-2-acetamido-2-deoxy-beta-D-glucopyranose
6 non-polymer 2-acetamido-2-deoxy-beta-D-glucopyranose
7 water water
#
loop_
_entity_poly.entity_id
_entity_poly.type
_entity_poly.pdbx_seq_one_letter_code
_entity_poly.pdbx_strand_id
1 'polypeptide(L)'
;LEEKKVCQGTSNKLTQLGTFEDHFLSLQRMFNNCEVVLGNLEITYVQRNYDLSFLKTIQEVAGYVLIALNTVERIPLENL
QIIRGNMYYENSYALAVLSNYDANKTGLKELPMRNLQEILHGAVRFSNNPALCNVESIQWRDIVSSDFLSNMSMDFQNHL
GSCQKCDPSCPNGSCWGAGEENCQKLTKIICAQQCSGRCRGKSPSDCCHNQCAAGCTGPRESDCLVCRKFRDEATCKDTC
PPLMLYNPTTYQMDVNPEGKYSFGATCVKKCPRNYVVTDHGSCVRACGADSYEMEEDGVRKCKKCEGPCRKVCNGIGIGE
FKDSLSINATNIKHFKNCTSISGDLHILPVAFRGDSFTHTPPLDPQELDILKTVKEITGFLLIQAWPENRTDLHAFENLE
IIRGRTKQHGQFSLAVVSLNITSLGLRSLKEISDGDVIISGNKNLCYANTINWKKLFGTSGQKTKIISNRGENSCKATGQ
VCHALCSPEGCWGPEPRDCVSCRNVSRGRECVDKCNLLEGEPREFVENSECIQCHPECLPQAMNITCTGRGPDNCIQCAH
YIDGPHCVKTCPAGVMGENNTLVWKYADAGHVCHLCHPNCTYGCTGPGLEGCPTNGPKHHHHHH
;
A
2 'polypeptide(L)'
;QVQLQESGGGLVQPGGSLRLSCAASGRTFSSYAMGWFRQAPGKQREFVAAIRWSGGYTYYTDSVKGRFTISRDNAKTTVY
LQMNSLKPEDTAVYYCAATYLSSDYSRYALPQRPLDYDYWGQGTQVTVSSLEHHHHHH
;
B
3 'polypeptide(L)'
;DILLTQSPVILSVSPGERVSFSCRASQSIGTNIHWYQQRTNGSPRLLIKYASESISGIPSRFSGSGSGTDFTLSINSVES
EDIADYYCQQNNNWPTTFGAGTKLELKRTVAAPSVFIFPPSDEQLKSGTASVVCLLNNFYPREAKVQWKVDNALQSGNSQ
ESVTEQDSKDSTYSLSSTLTLSKADYEKHKVYACEVTHQGLSSPVTKSFNR
;
C
4 'polypeptide(L)'
;QVQLKQSGPGLVQPSQSLSITCTVSGFSLTNYGVHWVRQSPGKGLEWLGVIWSGGNTDYNTPFTSRLSINKDNSKSQVFF
KMNSLQSNDTAIYYCARALTYYDYEFAYWGQGTLVTVSAASTKGPSVFPLAPSSKSTSGGTAALGCLVKDYFPEPVTVSW
NSGALTSGVHTFPAVLQSSGLYSLSSVVTVPSSSLGTQTYICNVNHKPSNTKVDKRVEPK
;
D
#
# COMPACT_ATOMS: atom_id res chain seq x y z
N LYS A 4 39.27 30.38 -27.70
CA LYS A 4 39.25 31.02 -26.40
C LYS A 4 39.08 29.98 -25.28
N LYS A 5 39.87 30.12 -24.21
CA LYS A 5 39.79 29.22 -23.07
C LYS A 5 38.55 29.53 -22.23
N VAL A 6 37.84 28.48 -21.81
CA VAL A 6 36.55 28.62 -21.16
C VAL A 6 36.54 28.05 -19.73
N CYS A 7 36.02 28.85 -18.80
CA CYS A 7 35.76 28.39 -17.43
C CYS A 7 34.27 28.53 -17.13
N GLN A 8 33.83 28.00 -16.00
CA GLN A 8 32.40 27.85 -15.72
C GLN A 8 31.71 29.16 -15.27
N GLY A 9 32.35 29.89 -14.38
CA GLY A 9 31.74 31.08 -13.79
C GLY A 9 31.28 30.82 -12.36
N THR A 10 30.52 31.75 -11.80
CA THR A 10 30.09 31.64 -10.41
C THR A 10 28.83 32.44 -10.13
N SER A 11 28.00 31.92 -9.22
CA SER A 11 26.83 32.64 -8.73
C SER A 11 26.67 32.46 -7.23
N ASN A 12 27.72 32.80 -6.48
CA ASN A 12 27.70 32.71 -5.02
C ASN A 12 27.27 34.02 -4.40
N LYS A 13 27.14 35.06 -5.23
CA LYS A 13 26.74 36.38 -4.77
C LYS A 13 27.70 36.91 -3.70
N LEU A 14 27.18 37.43 -2.60
CA LEU A 14 28.00 38.07 -1.57
C LEU A 14 28.54 37.09 -0.52
N THR A 15 28.34 35.80 -0.74
CA THR A 15 28.81 34.78 0.19
C THR A 15 30.34 34.73 0.21
N GLN A 16 30.90 34.37 1.36
CA GLN A 16 32.35 34.24 1.52
C GLN A 16 32.72 32.82 1.92
N LEU A 17 33.26 32.06 0.97
CA LEU A 17 33.61 30.66 1.18
C LEU A 17 34.84 30.48 2.06
N GLY A 18 34.63 30.47 3.37
CA GLY A 18 35.69 30.17 4.32
C GLY A 18 36.67 31.31 4.53
N THR A 19 37.94 30.95 4.70
CA THR A 19 39.01 31.93 4.88
C THR A 19 39.16 32.77 3.62
N PHE A 20 39.67 33.99 3.78
CA PHE A 20 40.02 34.83 2.64
C PHE A 20 41.02 34.10 1.74
N GLU A 21 41.90 33.32 2.34
CA GLU A 21 42.86 32.51 1.60
C GLU A 21 42.15 31.39 0.82
N ASP A 22 41.29 30.65 1.52
CA ASP A 22 40.52 29.57 0.90
C ASP A 22 39.57 30.11 -0.19
N HIS A 23 39.03 31.30 0.06
CA HIS A 23 38.15 31.97 -0.88
C HIS A 23 38.90 32.34 -2.17
N PHE A 24 40.03 33.02 -1.99
CA PHE A 24 40.88 33.43 -3.11
C PHE A 24 41.44 32.23 -3.87
N LEU A 25 41.86 31.20 -3.13
CA LEU A 25 42.44 30.00 -3.72
C LEU A 25 41.48 29.31 -4.70
N SER A 26 40.18 29.40 -4.41
CA SER A 26 39.15 28.80 -5.26
C SER A 26 38.70 29.77 -6.34
N LEU A 27 38.87 31.06 -6.07
CA LEU A 27 38.61 32.09 -7.07
C LEU A 27 39.64 31.98 -8.19
N GLN A 28 40.91 31.84 -7.79
CA GLN A 28 41.99 31.63 -8.74
C GLN A 28 41.74 30.36 -9.55
N ARG A 29 41.43 29.27 -8.85
CA ARG A 29 41.23 27.97 -9.49
C ARG A 29 40.18 28.04 -10.59
N MET A 30 39.13 28.82 -10.36
CA MET A 30 38.05 28.96 -11.33
C MET A 30 38.50 29.73 -12.56
N PHE A 31 39.13 30.88 -12.36
CA PHE A 31 39.40 31.82 -13.45
C PHE A 31 40.84 31.83 -13.94
N ASN A 32 41.67 30.91 -13.47
CA ASN A 32 43.07 30.85 -13.93
C ASN A 32 43.15 30.52 -15.41
N ASN A 33 43.80 31.42 -16.16
CA ASN A 33 43.99 31.23 -17.60
C ASN A 33 42.68 31.32 -18.40
N CYS A 34 41.59 31.71 -17.73
CA CYS A 34 40.28 31.75 -18.37
C CYS A 34 40.09 33.00 -19.24
N GLU A 35 39.54 32.81 -20.44
CA GLU A 35 39.30 33.92 -21.36
C GLU A 35 37.83 34.31 -21.41
N VAL A 36 36.96 33.30 -21.49
CA VAL A 36 35.52 33.51 -21.59
C VAL A 36 34.82 32.86 -20.42
N VAL A 37 33.96 33.62 -19.75
CA VAL A 37 33.21 33.14 -18.59
C VAL A 37 31.77 32.87 -18.98
N LEU A 38 31.39 31.59 -18.98
CA LEU A 38 30.05 31.18 -19.42
C LEU A 38 28.96 31.62 -18.45
N GLY A 39 29.30 31.73 -17.17
CA GLY A 39 28.34 32.12 -16.15
C GLY A 39 28.50 33.57 -15.74
N ASN A 40 28.39 33.82 -14.44
CA ASN A 40 28.59 35.15 -13.89
C ASN A 40 29.98 35.25 -13.27
N LEU A 41 30.55 36.46 -13.33
CA LEU A 41 31.86 36.73 -12.73
C LEU A 41 31.68 37.38 -11.36
N GLU A 42 32.19 36.71 -10.34
CA GLU A 42 32.06 37.19 -8.97
C GLU A 42 33.42 37.25 -8.28
N ILE A 43 33.92 38.47 -8.08
CA ILE A 43 35.17 38.69 -7.37
C ILE A 43 34.81 39.27 -6.01
N THR A 44 35.23 38.59 -4.94
CA THR A 44 34.73 38.88 -3.60
C THR A 44 35.76 38.62 -2.51
N TYR A 45 35.72 39.43 -1.47
CA TYR A 45 36.49 39.21 -0.25
C TYR A 45 37.98 38.96 -0.53
N VAL A 46 38.48 39.48 -1.65
CA VAL A 46 39.89 39.33 -2.00
C VAL A 46 40.78 40.15 -1.07
N GLN A 47 41.77 39.51 -0.47
CA GLN A 47 42.62 40.17 0.51
C GLN A 47 43.52 41.22 -0.13
N ARG A 48 44.35 41.86 0.71
CA ARG A 48 45.19 42.96 0.28
C ARG A 48 46.56 42.46 -0.15
N ASN A 49 47.06 43.00 -1.27
CA ASN A 49 48.32 42.55 -1.83
C ASN A 49 48.27 41.10 -2.34
N TYR A 50 47.14 40.71 -2.92
CA TYR A 50 46.97 39.36 -3.45
C TYR A 50 47.21 39.32 -4.97
N ASP A 51 48.00 38.39 -5.46
CA ASP A 51 48.31 38.40 -6.88
C ASP A 51 47.03 38.14 -7.69
N LEU A 52 46.41 39.21 -8.17
CA LEU A 52 45.16 39.07 -8.91
C LEU A 52 45.37 39.43 -10.37
N SER A 53 46.59 39.20 -10.85
CA SER A 53 46.96 39.55 -12.22
C SER A 53 46.43 38.56 -13.24
N PHE A 54 46.07 37.36 -12.78
CA PHE A 54 45.53 36.33 -13.66
C PHE A 54 44.20 36.75 -14.29
N LEU A 55 43.53 37.72 -13.68
CA LEU A 55 42.24 38.18 -14.19
C LEU A 55 42.38 38.91 -15.52
N LYS A 56 43.63 39.17 -15.94
CA LYS A 56 43.90 39.90 -17.17
C LYS A 56 43.48 39.13 -18.42
N THR A 57 43.38 37.80 -18.30
CA THR A 57 43.11 36.94 -19.43
C THR A 57 41.67 37.04 -19.93
N ILE A 58 40.77 37.39 -19.02
CA ILE A 58 39.33 37.39 -19.28
C ILE A 58 38.93 38.39 -20.37
N GLN A 59 38.43 37.87 -21.48
CA GLN A 59 37.98 38.70 -22.60
C GLN A 59 36.49 38.96 -22.56
N GLU A 60 35.71 37.95 -22.17
CA GLU A 60 34.25 38.03 -22.24
C GLU A 60 33.55 37.42 -21.02
N VAL A 61 32.41 37.99 -20.66
CA VAL A 61 31.55 37.44 -19.60
C VAL A 61 30.10 37.35 -20.08
N ALA A 62 29.50 36.18 -19.93
CA ALA A 62 28.15 35.94 -20.40
C ALA A 62 27.12 36.43 -19.39
N GLY A 63 27.31 36.08 -18.12
CA GLY A 63 26.36 36.46 -17.08
C GLY A 63 26.57 37.89 -16.62
N TYR A 64 26.58 38.10 -15.30
CA TYR A 64 26.80 39.42 -14.73
C TYR A 64 28.19 39.50 -14.13
N VAL A 65 28.63 40.72 -13.81
CA VAL A 65 29.91 40.93 -13.15
C VAL A 65 29.68 41.57 -11.77
N LEU A 66 30.17 40.89 -10.73
CA LEU A 66 30.07 41.38 -9.36
C LEU A 66 31.44 41.51 -8.72
N ILE A 67 31.74 42.72 -8.25
CA ILE A 67 32.99 43.01 -7.55
C ILE A 67 32.67 43.71 -6.23
N ALA A 68 32.87 43.00 -5.11
CA ALA A 68 32.44 43.51 -3.82
C ALA A 68 33.29 43.02 -2.64
N LEU A 69 33.38 43.84 -1.61
CA LEU A 69 34.06 43.47 -0.37
C LEU A 69 35.55 43.22 -0.56
N ASN A 70 36.13 43.87 -1.57
CA ASN A 70 37.56 43.72 -1.86
C ASN A 70 38.36 44.89 -1.31
N THR A 71 39.52 44.58 -0.72
CA THR A 71 40.45 45.58 -0.22
C THR A 71 41.75 45.57 -1.03
N VAL A 72 41.86 44.64 -1.97
CA VAL A 72 43.03 44.57 -2.83
C VAL A 72 43.12 45.85 -3.67
N GLU A 73 44.34 46.32 -3.91
CA GLU A 73 44.55 47.62 -4.55
C GLU A 73 44.08 47.63 -6.00
N ARG A 74 44.50 46.62 -6.77
CA ARG A 74 44.22 46.57 -8.20
C ARG A 74 43.42 45.33 -8.61
N ILE A 75 42.53 45.52 -9.59
CA ILE A 75 41.78 44.43 -10.22
C ILE A 75 41.93 44.53 -11.73
N PRO A 76 42.96 43.88 -12.30
CA PRO A 76 43.38 44.14 -13.68
C PRO A 76 42.52 43.44 -14.75
N LEU A 77 41.26 43.86 -14.88
CA LEU A 77 40.41 43.38 -15.96
C LEU A 77 40.71 44.19 -17.23
N GLU A 78 41.94 44.09 -17.70
CA GLU A 78 42.45 44.99 -18.74
C GLU A 78 41.99 44.63 -20.15
N ASN A 79 41.52 43.40 -20.34
CA ASN A 79 41.16 42.92 -21.67
C ASN A 79 39.68 42.53 -21.78
N LEU A 80 38.91 42.76 -20.72
CA LEU A 80 37.48 42.49 -20.75
C LEU A 80 36.77 43.40 -21.75
N GLN A 81 36.32 42.81 -22.86
CA GLN A 81 35.76 43.57 -23.97
C GLN A 81 34.24 43.71 -23.89
N ILE A 82 33.57 42.70 -23.34
CA ILE A 82 32.11 42.63 -23.39
C ILE A 82 31.50 41.93 -22.18
N ILE A 83 30.40 42.48 -21.69
CA ILE A 83 29.56 41.83 -20.69
C ILE A 83 28.16 41.72 -21.27
N ARG A 84 27.73 40.48 -21.55
CA ARG A 84 26.46 40.25 -22.22
C ARG A 84 25.27 40.54 -21.29
N GLY A 85 25.39 40.14 -20.03
CA GLY A 85 24.32 40.32 -19.08
C GLY A 85 23.13 39.42 -19.37
N ASN A 86 23.40 38.11 -19.44
CA ASN A 86 22.34 37.12 -19.62
C ASN A 86 21.61 36.84 -18.31
N MET A 87 22.28 37.15 -17.20
CA MET A 87 21.67 37.11 -15.88
C MET A 87 22.06 38.40 -15.15
N TYR A 88 21.31 38.73 -14.11
CA TYR A 88 21.56 39.94 -13.33
C TYR A 88 21.93 39.60 -11.89
N TYR A 89 22.79 40.41 -11.29
CA TYR A 89 23.17 40.22 -9.90
C TYR A 89 21.98 40.52 -9.00
N GLU A 90 21.54 41.76 -9.02
CA GLU A 90 20.35 42.19 -8.30
C GLU A 90 19.61 43.18 -9.17
N ASN A 91 18.29 43.24 -9.00
CA ASN A 91 17.44 44.07 -9.84
C ASN A 91 17.70 43.78 -11.32
N SER A 92 18.40 44.69 -11.99
CA SER A 92 18.71 44.53 -13.41
C SER A 92 20.09 45.11 -13.75
N TYR A 93 21.07 44.79 -12.92
CA TYR A 93 22.45 45.21 -13.13
C TYR A 93 23.28 44.12 -13.77
N ALA A 94 24.06 44.48 -14.78
CA ALA A 94 25.00 43.55 -15.41
C ALA A 94 26.40 43.72 -14.81
N LEU A 95 26.67 44.94 -14.34
CA LEU A 95 27.92 45.28 -13.69
C LEU A 95 27.65 45.94 -12.33
N ALA A 96 28.25 45.39 -11.28
CA ALA A 96 28.03 45.87 -9.92
C ALA A 96 29.33 45.94 -9.12
N VAL A 97 29.68 47.16 -8.71
CA VAL A 97 30.89 47.42 -7.93
C VAL A 97 30.51 48.03 -6.59
N LEU A 98 30.53 47.22 -5.54
CA LEU A 98 29.89 47.58 -4.27
C LEU A 98 30.74 47.34 -3.02
N SER A 99 30.77 48.35 -2.14
CA SER A 99 31.39 48.26 -0.82
C SER A 99 32.77 47.59 -0.82
N ASN A 100 33.66 48.08 -1.67
CA ASN A 100 35.02 47.56 -1.76
C ASN A 100 35.96 48.25 -0.78
N LEU A 108 39.38 48.95 -2.68
CA LEU A 108 39.78 48.83 -4.08
C LEU A 108 40.15 50.19 -4.66
N LYS A 109 41.34 50.26 -5.26
CA LYS A 109 41.87 51.51 -5.79
C LYS A 109 41.75 51.59 -7.32
N GLU A 110 42.29 50.57 -8.00
CA GLU A 110 42.43 50.60 -9.45
C GLU A 110 41.58 49.55 -10.15
N LEU A 111 40.67 50.00 -11.00
CA LEU A 111 39.83 49.12 -11.81
C LEU A 111 39.96 49.49 -13.30
N PRO A 112 41.12 49.19 -13.91
CA PRO A 112 41.45 49.65 -15.25
C PRO A 112 40.79 48.82 -16.36
N MET A 113 39.48 49.00 -16.54
CA MET A 113 38.75 48.28 -17.58
C MET A 113 38.78 49.07 -18.88
N ARG A 114 39.98 49.16 -19.45
CA ARG A 114 40.24 50.05 -20.59
C ARG A 114 39.61 49.56 -21.89
N ASN A 115 39.29 48.27 -21.97
CA ASN A 115 38.79 47.67 -23.21
C ASN A 115 37.28 47.40 -23.19
N LEU A 116 36.64 47.70 -22.05
CA LEU A 116 35.22 47.47 -21.89
C LEU A 116 34.40 48.40 -22.79
N GLN A 117 34.04 47.93 -23.98
CA GLN A 117 33.42 48.76 -25.00
C GLN A 117 31.90 48.63 -25.08
N GLU A 118 31.38 47.42 -24.84
CA GLU A 118 29.94 47.17 -24.95
C GLU A 118 29.38 46.32 -23.81
N ILE A 119 28.25 46.75 -23.28
CA ILE A 119 27.43 45.95 -22.38
C ILE A 119 26.09 45.72 -23.08
N LEU A 120 25.86 44.47 -23.50
CA LEU A 120 24.73 44.16 -24.36
C LEU A 120 23.38 44.35 -23.69
N HIS A 121 23.29 44.03 -22.40
CA HIS A 121 22.05 44.18 -21.65
C HIS A 121 22.34 44.44 -20.18
N GLY A 122 21.52 45.28 -19.56
CA GLY A 122 21.64 45.59 -18.14
C GLY A 122 22.27 46.94 -17.87
N ALA A 123 22.16 47.39 -16.62
CA ALA A 123 22.69 48.69 -16.21
C ALA A 123 23.96 48.52 -15.37
N VAL A 124 24.43 49.60 -14.75
CA VAL A 124 25.67 49.60 -13.97
C VAL A 124 25.49 50.28 -12.63
N ARG A 125 26.12 49.74 -11.60
CA ARG A 125 26.03 50.27 -10.24
C ARG A 125 27.40 50.48 -9.60
N PHE A 126 27.63 51.70 -9.13
CA PHE A 126 28.82 52.04 -8.33
C PHE A 126 28.38 52.73 -7.04
N SER A 127 28.69 52.12 -5.90
CA SER A 127 28.37 52.73 -4.62
C SER A 127 29.29 52.22 -3.52
N ASN A 128 29.65 53.11 -2.60
CA ASN A 128 30.47 52.77 -1.45
C ASN A 128 31.84 52.22 -1.86
N ASN A 129 32.55 52.96 -2.70
CA ASN A 129 33.91 52.61 -3.11
C ASN A 129 34.86 53.76 -2.77
N PRO A 130 35.20 53.91 -1.47
CA PRO A 130 35.87 55.12 -0.97
C PRO A 130 37.33 55.30 -1.42
N ALA A 131 37.87 54.36 -2.20
CA ALA A 131 39.26 54.45 -2.65
C ALA A 131 39.36 54.38 -4.16
N LEU A 132 38.22 54.34 -4.84
CA LEU A 132 38.20 54.20 -6.28
C LEU A 132 38.64 55.50 -6.96
N CYS A 133 39.30 55.35 -8.12
CA CYS A 133 39.82 56.49 -8.86
C CYS A 133 39.44 56.43 -10.33
N ASN A 134 39.29 57.61 -10.95
CA ASN A 134 39.16 57.74 -12.39
C ASN A 134 37.85 57.24 -12.99
N VAL A 135 37.32 56.14 -12.44
CA VAL A 135 36.12 55.51 -12.98
C VAL A 135 34.95 56.48 -13.09
N GLU A 136 34.88 57.42 -12.16
CA GLU A 136 33.79 58.40 -12.15
C GLU A 136 33.81 59.32 -13.37
N SER A 137 34.88 59.24 -14.16
CA SER A 137 35.05 60.08 -15.34
C SER A 137 34.59 59.39 -16.63
N ILE A 138 34.41 58.07 -16.57
CA ILE A 138 34.00 57.31 -17.74
C ILE A 138 32.60 57.71 -18.21
N GLN A 139 32.45 57.82 -19.53
CA GLN A 139 31.16 58.12 -20.14
C GLN A 139 30.43 56.82 -20.48
N TRP A 140 29.52 56.41 -19.60
CA TRP A 140 28.84 55.13 -19.73
C TRP A 140 27.96 55.02 -20.98
N ARG A 141 27.57 56.18 -21.54
CA ARG A 141 26.68 56.20 -22.70
C ARG A 141 27.24 55.44 -23.91
N ASP A 142 28.56 55.31 -23.96
CA ASP A 142 29.21 54.60 -25.07
C ASP A 142 29.21 53.09 -24.85
N ILE A 143 29.00 52.69 -23.60
CA ILE A 143 29.08 51.28 -23.19
C ILE A 143 27.70 50.65 -23.09
N VAL A 144 26.84 51.24 -22.28
CA VAL A 144 25.53 50.67 -21.97
C VAL A 144 24.51 51.00 -23.06
N SER A 145 23.68 50.03 -23.41
CA SER A 145 22.56 50.25 -24.34
C SER A 145 21.58 51.25 -23.73
N SER A 146 21.04 52.14 -24.57
CA SER A 146 20.20 53.24 -24.08
C SER A 146 18.92 52.75 -23.39
N ASP A 147 18.61 51.46 -23.52
CA ASP A 147 17.43 50.89 -22.89
C ASP A 147 17.63 50.69 -21.39
N PHE A 148 18.88 50.53 -20.97
CA PHE A 148 19.21 50.24 -19.58
C PHE A 148 19.58 51.48 -18.79
N LEU A 149 19.65 52.62 -19.49
CA LEU A 149 20.03 53.88 -18.87
C LEU A 149 19.15 54.22 -17.67
N SER A 150 17.86 53.92 -17.79
CA SER A 150 16.87 54.29 -16.79
C SER A 150 17.14 53.69 -15.41
N ASN A 151 17.92 52.62 -15.36
CA ASN A 151 18.18 51.91 -14.10
C ASN A 151 19.62 52.07 -13.62
N MET A 152 20.38 52.97 -14.22
CA MET A 152 21.78 53.18 -13.85
C MET A 152 21.87 53.82 -12.47
N SER A 153 22.88 53.41 -11.70
CA SER A 153 23.07 53.92 -10.34
C SER A 153 24.55 54.17 -10.05
N MET A 154 25.05 55.31 -10.52
CA MET A 154 26.46 55.64 -10.42
C MET A 154 26.74 56.68 -9.30
N ASP A 155 27.40 56.23 -8.24
CA ASP A 155 27.76 57.10 -7.12
C ASP A 155 29.21 56.87 -6.70
N PHE A 156 30.09 57.81 -7.08
CA PHE A 156 31.50 57.75 -6.71
C PHE A 156 31.84 58.78 -5.65
N GLN A 157 32.48 58.32 -4.57
CA GLN A 157 32.86 59.22 -3.48
C GLN A 157 33.95 58.57 -2.65
N ASN A 158 34.92 59.38 -2.21
CA ASN A 158 36.10 58.88 -1.52
C ASN A 158 36.41 59.64 -0.24
N HIS A 159 37.66 59.54 0.23
CA HIS A 159 38.10 60.28 1.41
C HIS A 159 37.94 61.78 1.15
N LEU A 160 38.83 62.30 0.31
CA LEU A 160 38.60 63.55 -0.41
C LEU A 160 38.52 63.16 -1.89
N GLY A 161 39.06 61.98 -2.19
CA GLY A 161 39.05 61.44 -3.54
C GLY A 161 40.32 61.79 -4.28
N SER A 162 41.42 61.92 -3.56
CA SER A 162 42.70 62.25 -4.16
C SER A 162 43.21 61.09 -5.02
N CYS A 163 43.50 61.38 -6.28
CA CYS A 163 43.86 60.37 -7.28
C CYS A 163 44.80 60.94 -8.33
N GLN A 164 45.20 60.07 -9.27
CA GLN A 164 45.90 60.49 -10.48
C GLN A 164 44.89 61.10 -11.45
N LYS A 165 45.39 61.81 -12.46
CA LYS A 165 44.53 62.48 -13.43
C LYS A 165 44.68 61.87 -14.81
N CYS A 166 43.60 61.89 -15.58
CA CYS A 166 43.60 61.34 -16.93
C CYS A 166 44.60 62.08 -17.81
N ASP A 167 45.27 61.36 -18.69
CA ASP A 167 46.14 61.99 -19.67
C ASP A 167 45.32 62.91 -20.56
N PRO A 168 45.92 64.00 -21.04
CA PRO A 168 45.17 64.92 -21.90
C PRO A 168 44.77 64.28 -23.23
N SER A 169 45.43 63.17 -23.57
CA SER A 169 45.10 62.41 -24.77
C SER A 169 43.66 61.94 -24.76
N CYS A 170 43.15 61.63 -23.56
CA CYS A 170 41.80 61.11 -23.40
C CYS A 170 40.75 62.07 -23.93
N PRO A 171 39.65 61.54 -24.51
CA PRO A 171 38.53 62.39 -24.93
C PRO A 171 37.65 62.84 -23.77
N ASN A 172 37.50 64.15 -23.61
CA ASN A 172 36.68 64.72 -22.54
C ASN A 172 37.17 64.31 -21.15
N GLY A 173 38.44 63.94 -21.04
CA GLY A 173 39.05 63.60 -19.77
C GLY A 173 38.46 62.36 -19.11
N SER A 174 37.91 61.45 -19.92
CA SER A 174 37.32 60.21 -19.41
C SER A 174 38.32 59.06 -19.51
N CYS A 175 38.61 58.42 -18.38
CA CYS A 175 39.59 57.35 -18.36
C CYS A 175 39.40 56.44 -17.15
N TRP A 176 40.00 55.26 -17.23
CA TRP A 176 39.90 54.26 -16.17
C TRP A 176 41.07 54.36 -15.20
N GLY A 177 42.14 55.03 -15.64
CA GLY A 177 43.33 55.17 -14.83
C GLY A 177 44.41 56.00 -15.50
N ALA A 178 45.63 55.87 -15.00
CA ALA A 178 46.77 56.63 -15.51
C ALA A 178 47.21 56.12 -16.88
N GLY A 179 47.87 56.99 -17.64
CA GLY A 179 48.45 56.62 -18.93
C GLY A 179 47.49 56.79 -20.09
N GLU A 180 48.06 57.06 -21.26
CA GLU A 180 47.27 57.21 -22.49
C GLU A 180 46.58 55.91 -22.88
N GLU A 181 47.14 54.79 -22.42
CA GLU A 181 46.58 53.48 -22.72
C GLU A 181 45.34 53.16 -21.86
N ASN A 182 45.03 54.05 -20.92
CA ASN A 182 43.88 53.85 -20.03
C ASN A 182 42.72 54.79 -20.33
N CYS A 183 42.76 55.46 -21.48
CA CYS A 183 41.68 56.36 -21.88
C CYS A 183 40.41 55.57 -22.23
N CYS A 208 31.74 49.08 -38.30
CA CYS A 208 31.20 48.34 -37.18
C CYS A 208 29.69 48.14 -37.37
N HIS A 209 28.92 48.42 -36.31
CA HIS A 209 27.46 48.37 -36.38
C HIS A 209 26.93 46.93 -36.49
N ASN A 210 26.46 46.55 -37.67
CA ASN A 210 25.70 45.30 -37.84
C ASN A 210 26.52 44.05 -37.58
N GLN A 211 25.91 43.11 -36.85
CA GLN A 211 26.52 41.80 -36.57
C GLN A 211 27.82 41.93 -35.78
N CYS A 212 27.78 42.74 -34.72
CA CYS A 212 28.97 43.03 -33.93
C CYS A 212 28.60 43.84 -32.70
N ALA A 213 29.51 43.90 -31.72
CA ALA A 213 29.25 44.65 -30.50
C ALA A 213 30.52 44.86 -29.69
N ALA A 214 31.63 45.12 -30.38
CA ALA A 214 32.91 45.35 -29.72
C ALA A 214 33.87 46.07 -30.67
N GLY A 215 33.39 47.16 -31.26
CA GLY A 215 34.16 47.89 -32.25
C GLY A 215 34.43 47.03 -33.47
N CYS A 216 35.29 47.52 -34.36
CA CYS A 216 35.65 46.76 -35.56
C CYS A 216 36.98 47.24 -36.14
N THR A 217 37.65 46.34 -36.87
CA THR A 217 38.90 46.68 -37.55
C THR A 217 38.62 46.85 -39.03
N GLY A 218 37.37 47.18 -39.33
CA GLY A 218 36.91 47.34 -40.69
C GLY A 218 35.45 46.93 -40.85
N PRO A 219 34.92 47.04 -42.08
CA PRO A 219 33.52 46.64 -42.30
C PRO A 219 33.37 45.23 -42.88
N ARG A 220 33.00 44.27 -42.04
CA ARG A 220 32.79 42.90 -42.48
C ARG A 220 32.17 42.07 -41.37
N GLU A 221 32.05 40.78 -41.62
CA GLU A 221 31.60 39.87 -40.59
C GLU A 221 32.80 39.61 -39.73
N SER A 222 33.97 39.57 -40.34
CA SER A 222 35.12 39.00 -39.66
C SER A 222 35.91 39.99 -38.81
N ASP A 223 35.72 41.29 -39.06
CA ASP A 223 36.46 42.32 -38.35
C ASP A 223 35.78 42.68 -37.02
N CYS A 224 35.75 41.72 -36.10
CA CYS A 224 35.14 41.93 -34.78
C CYS A 224 35.89 41.17 -33.70
N LEU A 225 36.30 41.90 -32.67
CA LEU A 225 37.00 41.30 -31.54
C LEU A 225 36.02 40.54 -30.64
N VAL A 226 34.74 40.82 -30.82
CA VAL A 226 33.68 40.15 -30.08
C VAL A 226 32.36 40.23 -30.86
N CYS A 227 31.82 39.07 -31.23
CA CYS A 227 30.58 39.03 -32.00
C CYS A 227 29.38 39.48 -31.18
N ARG A 228 28.27 39.73 -31.88
CA ARG A 228 27.05 40.23 -31.24
C ARG A 228 26.14 39.10 -30.80
N LYS A 229 25.32 38.60 -31.73
CA LYS A 229 24.37 37.55 -31.42
C LYS A 229 25.10 36.23 -31.14
N PHE A 230 25.75 35.69 -32.15
CA PHE A 230 26.49 34.43 -32.04
C PHE A 230 27.80 34.52 -32.80
N ARG A 231 28.48 33.39 -32.93
CA ARG A 231 29.79 33.35 -33.57
C ARG A 231 30.07 31.94 -34.09
N ASP A 232 30.79 31.86 -35.21
CA ASP A 232 31.17 30.57 -35.76
C ASP A 232 32.29 30.71 -36.77
N GLU A 233 33.50 30.34 -36.36
CA GLU A 233 34.66 30.42 -37.22
C GLU A 233 34.86 31.85 -37.75
N ALA A 234 35.12 32.77 -36.83
CA ALA A 234 35.38 34.18 -37.14
C ALA A 234 34.15 34.94 -37.64
N THR A 235 33.24 34.25 -38.31
CA THR A 235 32.01 34.85 -38.81
C THR A 235 31.02 35.09 -37.67
N CYS A 236 30.54 36.33 -37.53
CA CYS A 236 29.45 36.62 -36.60
C CYS A 236 28.13 36.29 -37.28
N LYS A 237 27.06 36.16 -36.49
CA LYS A 237 25.76 35.80 -37.04
C LYS A 237 24.60 36.22 -36.14
N ASP A 238 23.39 36.04 -36.65
CA ASP A 238 22.17 36.35 -35.90
C ASP A 238 21.71 35.12 -35.12
N THR A 239 21.91 33.95 -35.72
CA THR A 239 21.67 32.68 -35.06
C THR A 239 22.51 31.61 -35.75
N CYS A 240 22.88 30.58 -35.00
CA CYS A 240 23.63 29.46 -35.57
C CYS A 240 22.77 28.82 -36.66
N PRO A 241 23.42 28.20 -37.67
CA PRO A 241 22.64 27.56 -38.72
C PRO A 241 21.71 26.49 -38.15
N PRO A 242 20.38 26.67 -38.29
CA PRO A 242 19.43 25.77 -37.63
C PRO A 242 19.60 24.32 -38.06
N LEU A 243 19.44 23.41 -37.10
CA LEU A 243 19.64 21.98 -37.37
C LEU A 243 18.72 21.52 -38.49
N MET A 244 17.49 22.01 -38.48
CA MET A 244 16.49 21.64 -39.48
C MET A 244 16.05 22.85 -40.29
N LEU A 245 15.62 22.61 -41.53
CA LEU A 245 15.19 23.68 -42.44
C LEU A 245 13.96 23.27 -43.24
N TYR A 246 13.16 24.25 -43.61
CA TYR A 246 11.94 24.02 -44.39
C TYR A 246 12.28 23.73 -45.85
N ASN A 247 11.65 22.69 -46.40
CA ASN A 247 11.88 22.28 -47.78
C ASN A 247 10.62 22.44 -48.61
N PRO A 248 10.42 23.63 -49.21
CA PRO A 248 9.25 23.86 -50.06
C PRO A 248 9.15 22.84 -51.20
N THR A 249 10.26 22.23 -51.57
CA THR A 249 10.28 21.22 -52.63
C THR A 249 9.65 19.90 -52.19
N THR A 250 9.19 19.83 -50.94
CA THR A 250 8.58 18.62 -50.40
C THR A 250 7.54 18.89 -49.31
N TYR A 251 7.44 20.16 -48.89
CA TYR A 251 6.56 20.57 -47.79
C TYR A 251 6.92 19.90 -46.46
N GLN A 252 8.02 19.14 -46.45
CA GLN A 252 8.47 18.42 -45.26
C GLN A 252 9.69 19.11 -44.67
N MET A 253 10.03 18.76 -43.43
CA MET A 253 11.17 19.35 -42.74
C MET A 253 12.40 18.47 -42.87
N ASP A 254 13.48 19.05 -43.39
CA ASP A 254 14.73 18.32 -43.58
C ASP A 254 15.87 18.93 -42.76
N VAL A 255 16.80 18.07 -42.33
CA VAL A 255 17.89 18.46 -41.46
C VAL A 255 19.10 18.99 -42.24
N ASN A 256 19.43 20.27 -42.04
CA ASN A 256 20.57 20.89 -42.69
C ASN A 256 21.90 20.33 -42.19
N PRO A 257 22.63 19.58 -43.03
CA PRO A 257 23.93 19.07 -42.59
C PRO A 257 24.92 20.20 -42.26
N GLU A 258 24.69 21.38 -42.82
CA GLU A 258 25.50 22.55 -42.51
C GLU A 258 24.91 23.32 -41.33
N GLY A 259 24.47 22.58 -40.32
CA GLY A 259 23.86 23.16 -39.14
C GLY A 259 24.59 22.75 -37.87
N LYS A 260 24.90 23.72 -37.04
CA LYS A 260 25.61 23.50 -35.79
C LYS A 260 24.74 23.90 -34.59
N TYR A 261 25.10 23.42 -33.41
CA TYR A 261 24.39 23.77 -32.18
C TYR A 261 24.80 25.16 -31.70
N SER A 262 24.45 25.49 -30.47
CA SER A 262 24.89 26.76 -29.87
C SER A 262 25.41 26.53 -28.45
N PHE A 263 26.72 26.55 -28.32
CA PHE A 263 27.38 26.38 -27.03
C PHE A 263 27.67 27.74 -26.43
N GLY A 264 26.73 28.25 -25.65
CA GLY A 264 26.81 29.61 -25.15
C GLY A 264 26.72 30.57 -26.32
N ALA A 265 27.70 31.46 -26.44
CA ALA A 265 27.68 32.49 -27.48
C ALA A 265 28.27 32.02 -28.81
N THR A 266 28.87 30.84 -28.81
CA THR A 266 29.47 30.29 -30.03
C THR A 266 28.63 29.16 -30.60
N CYS A 267 28.90 28.82 -31.86
CA CYS A 267 28.24 27.69 -32.52
C CYS A 267 29.23 26.54 -32.68
N VAL A 268 28.79 25.34 -32.31
CA VAL A 268 29.64 24.15 -32.35
C VAL A 268 29.01 23.04 -33.20
N LYS A 269 29.84 22.36 -33.99
CA LYS A 269 29.40 21.24 -34.79
C LYS A 269 28.86 20.11 -33.90
N LYS A 270 29.52 19.91 -32.76
CA LYS A 270 29.07 18.93 -31.76
C LYS A 270 29.31 19.51 -30.38
N CYS A 271 28.37 19.32 -29.47
CA CYS A 271 28.53 19.81 -28.10
C CYS A 271 29.82 19.28 -27.49
N PRO A 272 30.47 20.08 -26.63
CA PRO A 272 31.67 19.58 -25.96
C PRO A 272 31.36 18.43 -25.01
N ARG A 273 32.37 17.93 -24.30
CA ARG A 273 32.20 16.80 -23.41
C ARG A 273 31.17 17.10 -22.32
N ASN A 274 30.36 16.09 -22.00
CA ASN A 274 29.40 16.14 -20.89
C ASN A 274 28.26 17.17 -21.02
N TYR A 275 28.38 18.13 -21.92
CA TYR A 275 27.28 19.05 -22.16
C TYR A 275 26.15 18.28 -22.86
N VAL A 276 24.95 18.87 -22.88
CA VAL A 276 23.79 18.19 -23.43
C VAL A 276 22.90 19.17 -24.23
N VAL A 277 22.29 18.67 -25.30
CA VAL A 277 21.50 19.50 -26.21
C VAL A 277 20.11 19.78 -25.66
N THR A 278 19.71 21.04 -25.66
CA THR A 278 18.37 21.42 -25.18
C THR A 278 17.32 21.13 -26.24
N ASP A 279 16.11 21.61 -26.00
CA ASP A 279 15.00 21.46 -26.94
C ASP A 279 14.90 22.69 -27.85
N HIS A 280 16.01 23.39 -28.04
CA HIS A 280 16.04 24.52 -28.96
C HIS A 280 17.46 24.77 -29.47
N GLY A 281 18.25 23.70 -29.55
CA GLY A 281 19.50 23.72 -30.27
C GLY A 281 20.76 23.95 -29.45
N SER A 282 20.63 24.61 -28.29
CA SER A 282 21.81 24.99 -27.51
C SER A 282 22.39 23.84 -26.70
N CYS A 283 23.70 23.90 -26.46
CA CYS A 283 24.36 22.98 -25.53
C CYS A 283 24.21 23.53 -24.11
N VAL A 284 24.06 22.64 -23.14
CA VAL A 284 23.91 23.06 -21.75
C VAL A 284 24.42 21.97 -20.81
N ARG A 285 24.91 22.39 -19.64
CA ARG A 285 25.39 21.45 -18.63
C ARG A 285 24.22 20.81 -17.92
N ALA A 286 24.02 19.52 -18.18
CA ALA A 286 22.94 18.73 -17.56
C ALA A 286 21.54 19.23 -17.94
N CYS A 287 20.56 18.33 -17.80
CA CYS A 287 19.22 18.57 -18.30
C CYS A 287 18.35 19.34 -17.31
N GLY A 288 17.30 19.99 -17.83
CA GLY A 288 16.39 20.79 -17.01
C GLY A 288 15.69 20.00 -15.92
N ALA A 289 14.88 20.70 -15.12
CA ALA A 289 14.19 20.08 -14.00
C ALA A 289 12.86 19.43 -14.43
N ASP A 290 12.22 20.04 -15.41
CA ASP A 290 10.98 19.52 -15.97
C ASP A 290 11.26 18.72 -17.24
N SER A 291 12.50 18.27 -17.40
CA SER A 291 12.91 17.57 -18.61
C SER A 291 13.92 16.48 -18.25
N TYR A 292 14.18 15.57 -19.19
CA TYR A 292 15.09 14.45 -18.94
C TYR A 292 16.00 14.15 -20.13
N GLU A 293 17.04 13.36 -19.90
CA GLU A 293 18.04 13.08 -20.92
C GLU A 293 17.78 11.78 -21.67
N MET A 294 17.81 11.86 -23.00
CA MET A 294 17.73 10.70 -23.89
C MET A 294 19.02 10.59 -24.68
N GLU A 295 19.01 9.80 -25.76
CA GLU A 295 20.19 9.69 -26.62
C GLU A 295 19.86 9.14 -28.01
N GLU A 296 19.37 10.00 -28.89
CA GLU A 296 19.24 9.66 -30.30
C GLU A 296 20.64 9.53 -30.91
N ASP A 297 20.90 8.38 -31.52
CA ASP A 297 22.21 8.09 -32.10
C ASP A 297 23.31 8.17 -31.01
N GLY A 298 24.19 9.17 -31.12
CA GLY A 298 25.29 9.32 -30.19
C GLY A 298 25.14 10.56 -29.32
N VAL A 299 24.54 11.60 -29.87
CA VAL A 299 24.35 12.85 -29.15
C VAL A 299 23.30 12.69 -28.05
N ARG A 300 23.66 13.09 -26.83
CA ARG A 300 22.72 13.09 -25.71
C ARG A 300 21.80 14.31 -25.78
N LYS A 301 20.50 14.08 -25.84
CA LYS A 301 19.51 15.15 -25.98
C LYS A 301 18.59 15.26 -24.77
N CYS A 302 17.82 16.35 -24.71
CA CYS A 302 16.92 16.62 -23.60
C CYS A 302 15.45 16.67 -24.01
N LYS A 303 14.74 15.56 -23.81
CA LYS A 303 13.30 15.52 -24.11
C LYS A 303 12.50 15.92 -22.86
N LYS A 304 11.35 16.57 -23.07
CA LYS A 304 10.50 16.99 -21.96
C LYS A 304 9.80 15.78 -21.33
N CYS A 305 9.58 15.85 -20.02
CA CYS A 305 8.97 14.73 -19.29
C CYS A 305 7.48 14.60 -19.62
N GLU A 306 7.06 13.37 -19.92
CA GLU A 306 5.65 13.06 -20.08
C GLU A 306 5.00 12.94 -18.70
N GLY A 307 4.43 14.04 -18.21
CA GLY A 307 3.96 14.12 -16.85
C GLY A 307 5.14 14.27 -15.91
N PRO A 308 4.89 14.40 -14.59
CA PRO A 308 5.91 14.59 -13.55
C PRO A 308 7.14 13.70 -13.73
N CYS A 309 8.33 14.31 -13.80
CA CYS A 309 9.55 13.56 -14.13
C CYS A 309 9.78 12.46 -13.12
N ARG A 310 10.40 11.38 -13.57
CA ARG A 310 10.61 10.21 -12.72
C ARG A 310 11.49 10.55 -11.53
N LYS A 311 11.03 10.13 -10.36
CA LYS A 311 11.79 10.28 -9.12
C LYS A 311 11.62 9.02 -8.30
N VAL A 312 12.70 8.25 -8.15
CA VAL A 312 12.69 7.08 -7.29
C VAL A 312 13.03 7.49 -5.86
N CYS A 313 12.22 7.03 -4.90
CA CYS A 313 12.43 7.33 -3.49
C CYS A 313 12.42 6.04 -2.68
N ASN A 314 12.96 6.10 -1.47
CA ASN A 314 13.03 4.92 -0.62
C ASN A 314 11.77 4.73 0.19
N GLY A 315 11.26 3.51 0.19
CA GLY A 315 10.06 3.17 0.96
C GLY A 315 10.29 3.22 2.46
N ILE A 316 9.32 2.69 3.20
CA ILE A 316 9.41 2.62 4.65
C ILE A 316 10.24 1.40 5.06
N GLY A 317 11.13 1.59 6.03
CA GLY A 317 11.94 0.51 6.57
C GLY A 317 13.22 0.30 5.79
N ILE A 318 13.65 1.33 5.09
CA ILE A 318 14.83 1.26 4.22
C ILE A 318 15.56 2.59 4.20
N GLY A 319 16.89 2.53 4.31
CA GLY A 319 17.74 3.70 4.18
C GLY A 319 17.31 4.89 5.03
N GLU A 320 16.86 5.94 4.35
CA GLU A 320 16.43 7.19 5.01
C GLU A 320 15.43 6.93 6.14
N PHE A 321 14.71 5.81 6.05
CA PHE A 321 13.70 5.45 7.04
C PHE A 321 13.82 3.98 7.44
N LYS A 322 15.00 3.60 7.92
CA LYS A 322 15.28 2.21 8.28
C LYS A 322 14.43 1.75 9.45
N ASP A 323 14.28 2.63 10.44
CA ASP A 323 13.57 2.30 11.68
C ASP A 323 12.30 3.13 11.81
N SER A 324 11.63 3.38 10.68
CA SER A 324 10.33 4.04 10.67
C SER A 324 9.24 3.00 10.53
N LEU A 325 8.11 3.20 11.21
CA LEU A 325 7.03 2.22 11.20
C LEU A 325 6.05 2.45 10.06
N SER A 326 5.76 3.72 9.78
CA SER A 326 4.88 4.04 8.67
C SER A 326 5.11 5.48 8.19
N ILE A 327 4.36 5.87 7.18
CA ILE A 327 4.31 7.27 6.79
C ILE A 327 3.67 8.08 7.92
N ASN A 328 4.46 8.96 8.54
CA ASN A 328 3.96 9.80 9.62
C ASN A 328 4.00 11.26 9.19
N ALA A 329 3.69 12.16 10.13
CA ALA A 329 3.73 13.59 9.85
C ALA A 329 5.15 14.06 9.55
N THR A 330 6.14 13.36 10.12
CA THR A 330 7.53 13.75 9.96
C THR A 330 8.03 13.49 8.55
N ASN A 331 7.94 12.24 8.10
CA ASN A 331 8.62 11.81 6.87
C ASN A 331 7.83 12.03 5.59
N ILE A 332 6.54 12.32 5.72
CA ILE A 332 5.66 12.37 4.56
C ILE A 332 6.20 13.34 3.51
N LYS A 333 6.83 14.43 3.95
CA LYS A 333 7.30 15.47 3.06
C LYS A 333 8.42 14.99 2.15
N HIS A 334 9.16 13.99 2.60
CA HIS A 334 10.26 13.43 1.82
C HIS A 334 9.75 12.60 0.65
N PHE A 335 8.44 12.49 0.53
CA PHE A 335 7.83 11.76 -0.58
C PHE A 335 7.39 12.71 -1.70
N LYS A 336 7.69 14.00 -1.55
CA LYS A 336 7.26 14.97 -2.54
C LYS A 336 7.90 14.70 -3.88
N ASN A 337 7.12 14.85 -4.95
CA ASN A 337 7.60 14.64 -6.32
C ASN A 337 7.99 13.18 -6.61
N CYS A 338 7.76 12.25 -5.68
CA CYS A 338 8.12 10.85 -5.92
C CYS A 338 7.17 10.18 -6.90
N THR A 339 7.74 9.42 -7.83
CA THR A 339 6.95 8.70 -8.83
C THR A 339 7.10 7.18 -8.69
N SER A 340 8.29 6.78 -8.23
CA SER A 340 8.58 5.37 -7.98
C SER A 340 9.02 5.21 -6.54
N ILE A 341 8.84 4.01 -6.00
CA ILE A 341 9.27 3.72 -4.64
C ILE A 341 9.97 2.38 -4.58
N SER A 342 11.24 2.41 -4.20
CA SER A 342 11.99 1.20 -3.97
C SER A 342 11.82 0.77 -2.52
N GLY A 343 10.97 -0.25 -2.34
CA GLY A 343 10.59 -0.70 -1.02
C GLY A 343 9.08 -0.75 -0.88
N ASP A 344 8.60 -0.65 0.35
CA ASP A 344 7.19 -0.76 0.65
C ASP A 344 6.61 0.57 1.13
N LEU A 345 5.31 0.57 1.36
CA LEU A 345 4.60 1.75 1.81
C LEU A 345 3.57 1.37 2.87
N HIS A 346 3.77 1.87 4.09
CA HIS A 346 2.91 1.53 5.21
C HIS A 346 2.06 2.71 5.60
N ILE A 347 0.78 2.49 5.89
CA ILE A 347 -0.07 3.53 6.47
C ILE A 347 -0.86 2.93 7.64
N LEU A 348 -0.38 3.21 8.85
CA LEU A 348 -0.90 2.55 10.05
C LEU A 348 -1.69 3.53 10.91
N PRO A 349 -2.41 3.01 11.92
CA PRO A 349 -3.18 3.87 12.82
C PRO A 349 -2.31 4.84 13.60
N VAL A 350 -1.05 4.45 13.83
CA VAL A 350 -0.14 5.24 14.64
C VAL A 350 0.14 6.59 14.00
N ALA A 351 0.08 6.63 12.68
CA ALA A 351 0.35 7.86 11.94
C ALA A 351 -0.69 8.93 12.27
N PHE A 352 -1.94 8.49 12.41
CA PHE A 352 -3.05 9.40 12.63
C PHE A 352 -3.19 9.75 14.12
N ARG A 353 -2.75 8.83 14.97
CA ARG A 353 -2.68 9.08 16.41
C ARG A 353 -1.52 9.99 16.73
N GLY A 354 -0.41 9.75 16.07
CA GLY A 354 0.87 10.31 16.46
C GLY A 354 1.49 9.34 17.46
N ASP A 355 2.79 9.45 17.69
CA ASP A 355 3.46 8.59 18.67
C ASP A 355 4.50 9.36 19.45
N SER A 356 4.22 9.52 20.75
CA SER A 356 5.07 10.30 21.64
C SER A 356 6.48 9.74 21.73
N PHE A 357 6.58 8.44 21.98
CA PHE A 357 7.86 7.76 22.18
C PHE A 357 8.86 8.08 21.07
N THR A 358 8.36 8.23 19.84
CA THR A 358 9.20 8.62 18.71
C THR A 358 9.14 10.14 18.46
N HIS A 359 8.32 10.83 19.24
CA HIS A 359 8.19 12.27 19.12
C HIS A 359 7.77 12.67 17.71
N THR A 360 6.56 12.23 17.32
CA THR A 360 6.04 12.50 15.98
C THR A 360 4.54 12.81 16.07
N PRO A 361 4.10 13.99 15.59
CA PRO A 361 2.69 14.39 15.79
C PRO A 361 1.69 13.53 15.03
N PRO A 362 0.39 13.71 15.33
CA PRO A 362 -0.68 13.07 14.57
C PRO A 362 -0.77 13.61 13.14
N LEU A 363 -0.62 12.73 12.16
CA LEU A 363 -0.57 13.11 10.75
C LEU A 363 -1.82 13.82 10.29
N ASP A 364 -1.61 14.92 9.56
CA ASP A 364 -2.69 15.63 8.89
C ASP A 364 -3.08 14.87 7.62
N PRO A 365 -4.33 14.38 7.56
CA PRO A 365 -4.67 13.50 6.44
C PRO A 365 -4.53 14.16 5.06
N GLN A 366 -4.70 15.48 5.00
CA GLN A 366 -4.61 16.18 3.73
C GLN A 366 -3.24 15.97 3.09
N GLU A 367 -2.21 15.84 3.92
CA GLU A 367 -0.85 15.75 3.40
C GLU A 367 -0.64 14.48 2.58
N LEU A 368 -1.56 13.52 2.69
CA LEU A 368 -1.47 12.28 1.93
C LEU A 368 -1.52 12.52 0.44
N ASP A 369 -2.02 13.69 0.05
CA ASP A 369 -2.12 14.04 -1.36
C ASP A 369 -0.76 14.01 -2.03
N ILE A 370 0.29 14.18 -1.23
CA ILE A 370 1.66 14.09 -1.72
C ILE A 370 1.89 12.79 -2.48
N LEU A 371 1.18 11.73 -2.11
CA LEU A 371 1.35 10.43 -2.75
C LEU A 371 0.71 10.34 -4.14
N LYS A 372 0.01 11.41 -4.52
CA LYS A 372 -0.70 11.42 -5.80
C LYS A 372 0.22 11.21 -7.02
N THR A 373 1.51 11.50 -6.85
CA THR A 373 2.46 11.39 -7.96
C THR A 373 3.13 10.03 -8.08
N VAL A 374 2.79 9.10 -7.19
CA VAL A 374 3.41 7.77 -7.22
C VAL A 374 2.74 6.88 -8.26
N LYS A 375 3.55 6.25 -9.12
CA LYS A 375 3.06 5.37 -10.17
C LYS A 375 3.49 3.93 -9.97
N GLU A 376 4.60 3.74 -9.26
CA GLU A 376 5.22 2.42 -9.12
C GLU A 376 5.57 2.12 -7.66
N ILE A 377 5.27 0.90 -7.23
CA ILE A 377 5.72 0.43 -5.92
C ILE A 377 6.37 -0.95 -6.06
N THR A 378 7.66 -0.99 -5.79
CA THR A 378 8.43 -2.21 -6.00
C THR A 378 8.17 -3.23 -4.91
N GLY A 379 7.91 -2.75 -3.70
CA GLY A 379 7.55 -3.63 -2.60
C GLY A 379 6.06 -3.87 -2.51
N PHE A 380 5.51 -3.75 -1.30
CA PHE A 380 4.09 -3.90 -1.08
C PHE A 380 3.47 -2.61 -0.56
N LEU A 381 2.15 -2.53 -0.67
CA LEU A 381 1.39 -1.41 -0.14
C LEU A 381 0.46 -1.91 0.96
N LEU A 382 0.66 -1.40 2.16
CA LEU A 382 -0.13 -1.82 3.31
C LEU A 382 -0.92 -0.64 3.87
N ILE A 383 -2.23 -0.78 3.97
CA ILE A 383 -3.08 0.29 4.47
C ILE A 383 -4.01 -0.22 5.57
N GLN A 384 -3.58 0.00 6.82
CA GLN A 384 -4.35 -0.38 7.99
C GLN A 384 -5.01 0.83 8.59
N ALA A 385 -4.81 1.98 7.96
CA ALA A 385 -5.44 3.20 8.42
C ALA A 385 -5.70 4.13 7.24
N TRP A 386 -6.65 5.03 7.41
CA TRP A 386 -7.03 5.94 6.35
C TRP A 386 -8.03 6.95 6.89
N PRO A 387 -7.97 8.21 6.41
CA PRO A 387 -8.95 9.20 6.87
C PRO A 387 -10.39 8.74 6.68
N GLU A 388 -11.13 8.79 7.77
CA GLU A 388 -12.51 8.33 7.79
C GLU A 388 -13.40 9.11 6.83
N ASN A 389 -13.12 10.40 6.66
CA ASN A 389 -13.98 11.28 5.85
C ASN A 389 -13.73 11.13 4.35
N ARG A 390 -12.64 10.47 3.98
CA ARG A 390 -12.34 10.21 2.57
C ARG A 390 -12.98 8.88 2.16
N THR A 391 -13.29 8.74 0.87
CA THR A 391 -14.20 7.70 0.39
C THR A 391 -13.48 6.54 -0.28
N ASP A 392 -12.27 6.81 -0.76
CA ASP A 392 -11.52 5.85 -1.53
C ASP A 392 -10.06 6.19 -1.44
N LEU A 393 -9.22 5.34 -2.03
CA LEU A 393 -7.79 5.48 -1.86
C LEU A 393 -7.29 6.52 -2.85
N HIS A 394 -7.89 7.71 -2.75
CA HIS A 394 -7.71 8.78 -3.71
C HIS A 394 -6.25 9.04 -4.05
N ALA A 395 -5.42 9.01 -3.02
CA ALA A 395 -4.03 9.36 -3.16
C ALA A 395 -3.29 8.43 -4.11
N PHE A 396 -3.85 7.25 -4.36
CA PHE A 396 -3.21 6.29 -5.25
C PHE A 396 -3.99 6.16 -6.56
N GLU A 397 -4.68 7.22 -6.95
CA GLU A 397 -5.50 7.19 -8.16
C GLU A 397 -4.62 7.01 -9.41
N ASN A 398 -3.32 7.24 -9.27
CA ASN A 398 -2.39 7.13 -10.40
C ASN A 398 -1.45 5.93 -10.31
N LEU A 399 -1.49 5.21 -9.19
CA LEU A 399 -0.67 4.02 -9.03
C LEU A 399 -0.95 3.02 -10.15
N GLU A 400 0.11 2.51 -10.77
CA GLU A 400 0.00 1.64 -11.95
C GLU A 400 0.40 0.21 -11.65
N ILE A 401 1.44 0.07 -10.83
CA ILE A 401 1.98 -1.26 -10.55
C ILE A 401 2.44 -1.43 -9.11
N ILE A 402 2.10 -2.58 -8.55
CA ILE A 402 2.73 -3.05 -7.33
C ILE A 402 3.50 -4.32 -7.68
N ARG A 403 4.81 -4.30 -7.43
CA ARG A 403 5.68 -5.36 -7.91
C ARG A 403 5.78 -6.50 -6.90
N GLY A 404 5.57 -6.18 -5.64
CA GLY A 404 5.54 -7.19 -4.60
C GLY A 404 6.82 -7.97 -4.50
N ARG A 405 7.95 -7.28 -4.72
CA ARG A 405 9.27 -7.89 -4.58
C ARG A 405 9.50 -8.16 -3.10
N THR A 406 8.89 -7.32 -2.28
CA THR A 406 8.86 -7.49 -0.83
C THR A 406 7.40 -7.58 -0.43
N LYS A 407 7.10 -8.46 0.54
CA LYS A 407 5.72 -8.75 0.91
C LYS A 407 5.53 -8.68 2.42
N GLN A 408 4.34 -8.27 2.86
CA GLN A 408 4.04 -8.23 4.29
C GLN A 408 3.89 -9.66 4.79
N HIS A 409 4.65 -9.99 5.83
CA HIS A 409 4.74 -11.37 6.31
C HIS A 409 5.13 -12.30 5.17
N GLY A 410 6.02 -11.82 4.31
CA GLY A 410 6.41 -12.58 3.13
C GLY A 410 5.22 -13.09 2.34
N GLN A 411 4.08 -12.41 2.46
CA GLN A 411 2.84 -12.90 1.87
C GLN A 411 2.09 -11.89 1.00
N PHE A 412 1.83 -10.71 1.55
CA PHE A 412 0.94 -9.75 0.90
C PHE A 412 1.68 -8.66 0.15
N SER A 413 1.26 -8.42 -1.09
CA SER A 413 1.74 -7.28 -1.87
C SER A 413 0.80 -6.09 -1.68
N LEU A 414 -0.48 -6.39 -1.47
CA LEU A 414 -1.50 -5.37 -1.29
C LEU A 414 -2.43 -5.79 -0.19
N ALA A 415 -2.53 -4.97 0.84
CA ALA A 415 -3.40 -5.27 1.98
C ALA A 415 -4.18 -4.04 2.38
N VAL A 416 -5.50 -4.14 2.32
CA VAL A 416 -6.38 -3.05 2.70
C VAL A 416 -7.37 -3.57 3.74
N VAL A 417 -7.26 -3.07 4.98
CA VAL A 417 -7.98 -3.70 6.08
C VAL A 417 -8.64 -2.74 7.07
N SER A 418 -9.92 -2.97 7.32
CA SER A 418 -10.69 -2.22 8.32
C SER A 418 -10.68 -0.71 8.06
N LEU A 419 -10.94 -0.35 6.80
CA LEU A 419 -11.08 1.05 6.43
C LEU A 419 -12.54 1.43 6.34
N ASN A 420 -12.80 2.73 6.24
CA ASN A 420 -14.17 3.21 6.13
C ASN A 420 -14.54 3.48 4.69
N ILE A 421 -13.54 3.43 3.81
CA ILE A 421 -13.70 3.74 2.39
C ILE A 421 -14.86 2.97 1.73
N THR A 422 -15.38 3.54 0.64
CA THR A 422 -16.55 2.98 -0.03
C THR A 422 -16.18 2.28 -1.33
N SER A 423 -15.13 2.77 -1.97
CA SER A 423 -14.57 2.12 -3.15
C SER A 423 -13.06 2.16 -3.05
N LEU A 424 -12.36 1.30 -3.77
CA LEU A 424 -10.90 1.29 -3.69
C LEU A 424 -10.34 2.48 -4.47
N GLY A 425 -10.68 2.56 -5.74
CA GLY A 425 -10.29 3.70 -6.56
C GLY A 425 -8.89 3.64 -7.14
N LEU A 426 -8.38 2.43 -7.35
CA LEU A 426 -7.09 2.25 -8.00
C LEU A 426 -7.28 2.13 -9.51
N ARG A 427 -7.78 3.20 -10.12
CA ARG A 427 -8.21 3.15 -11.52
C ARG A 427 -7.05 3.02 -12.50
N SER A 428 -5.88 3.52 -12.09
CA SER A 428 -4.69 3.42 -12.93
C SER A 428 -3.92 2.11 -12.70
N LEU A 429 -4.28 1.38 -11.65
CA LEU A 429 -3.61 0.11 -11.33
C LEU A 429 -3.81 -0.94 -12.43
N LYS A 430 -2.71 -1.47 -12.96
CA LYS A 430 -2.79 -2.40 -14.08
C LYS A 430 -2.00 -3.68 -13.86
N GLU A 431 -1.26 -3.78 -12.76
CA GLU A 431 -0.51 -5.01 -12.48
C GLU A 431 -0.07 -5.19 -11.02
N ILE A 432 -0.33 -6.37 -10.48
CA ILE A 432 0.26 -6.82 -9.22
C ILE A 432 1.06 -8.06 -9.54
N SER A 433 2.36 -7.90 -9.79
CA SER A 433 3.15 -8.95 -10.42
C SER A 433 3.53 -10.09 -9.48
N ASP A 434 3.33 -9.91 -8.19
CA ASP A 434 3.67 -10.94 -7.23
C ASP A 434 3.09 -10.64 -5.84
N GLY A 435 2.82 -11.69 -5.08
CA GLY A 435 2.26 -11.55 -3.75
C GLY A 435 0.76 -11.73 -3.75
N ASP A 436 0.18 -11.80 -2.56
CA ASP A 436 -1.26 -12.02 -2.42
C ASP A 436 -1.94 -10.72 -2.06
N VAL A 437 -3.22 -10.61 -2.43
CA VAL A 437 -3.99 -9.41 -2.18
C VAL A 437 -5.03 -9.70 -1.12
N ILE A 438 -5.00 -8.95 -0.04
CA ILE A 438 -5.90 -9.15 1.08
C ILE A 438 -6.73 -7.89 1.34
N ILE A 439 -8.05 -8.06 1.28
CA ILE A 439 -8.98 -6.95 1.44
C ILE A 439 -10.08 -7.35 2.40
N SER A 440 -10.04 -6.81 3.61
CA SER A 440 -10.98 -7.23 4.63
C SER A 440 -11.36 -6.22 5.69
N GLY A 441 -12.58 -6.35 6.18
CA GLY A 441 -13.02 -5.59 7.34
C GLY A 441 -13.45 -4.17 7.01
N ASN A 442 -13.52 -3.86 5.72
CA ASN A 442 -14.02 -2.58 5.29
C ASN A 442 -15.53 -2.68 5.15
N LYS A 443 -16.25 -2.32 6.21
CA LYS A 443 -17.69 -2.52 6.29
C LYS A 443 -18.46 -1.79 5.19
N ASN A 444 -17.86 -0.76 4.61
CA ASN A 444 -18.54 0.06 3.63
C ASN A 444 -18.05 -0.16 2.20
N LEU A 445 -17.08 -1.06 2.03
CA LEU A 445 -16.43 -1.24 0.73
C LEU A 445 -17.26 -2.04 -0.25
N CYS A 446 -17.73 -1.38 -1.30
CA CYS A 446 -18.41 -2.04 -2.41
C CYS A 446 -17.43 -2.31 -3.55
N TYR A 447 -17.93 -2.96 -4.60
CA TYR A 447 -17.11 -3.31 -5.75
C TYR A 447 -16.07 -4.34 -5.29
N ALA A 448 -14.83 -4.21 -5.73
CA ALA A 448 -13.74 -5.10 -5.28
C ALA A 448 -13.93 -6.51 -5.82
N ASN A 449 -14.99 -7.20 -5.40
CA ASN A 449 -15.30 -8.51 -5.95
C ASN A 449 -15.61 -8.46 -7.44
N THR A 450 -15.96 -7.26 -7.90
CA THR A 450 -16.28 -7.03 -9.28
C THR A 450 -15.03 -7.14 -10.18
N ILE A 451 -13.86 -6.94 -9.59
CA ILE A 451 -12.58 -7.02 -10.30
C ILE A 451 -12.13 -8.46 -10.55
N ASN A 452 -11.57 -8.71 -11.72
CA ASN A 452 -10.88 -9.97 -11.99
C ASN A 452 -9.40 -9.80 -11.74
N TRP A 453 -8.95 -10.18 -10.55
CA TRP A 453 -7.59 -9.87 -10.13
C TRP A 453 -6.55 -10.70 -10.88
N LYS A 454 -6.97 -11.85 -11.41
CA LYS A 454 -6.09 -12.66 -12.25
C LYS A 454 -5.47 -11.81 -13.34
N LYS A 455 -6.29 -10.92 -13.90
CA LYS A 455 -5.88 -10.06 -15.00
C LYS A 455 -4.73 -9.15 -14.59
N LEU A 456 -4.60 -8.91 -13.28
CA LEU A 456 -3.51 -8.08 -12.78
C LEU A 456 -2.29 -8.94 -12.43
N PHE A 457 -2.55 -10.13 -11.91
CA PHE A 457 -1.46 -11.03 -11.49
C PHE A 457 -0.57 -11.44 -12.66
N GLY A 458 0.70 -11.65 -12.34
CA GLY A 458 1.68 -12.06 -13.33
C GLY A 458 2.42 -13.31 -12.87
N THR A 459 2.47 -13.51 -11.57
CA THR A 459 3.06 -14.70 -10.96
C THR A 459 1.99 -15.76 -10.72
N SER A 460 2.37 -17.02 -10.93
CA SER A 460 1.43 -18.12 -10.67
C SER A 460 1.31 -18.35 -9.16
N GLY A 461 0.10 -18.65 -8.72
CA GLY A 461 -0.17 -18.93 -7.32
C GLY A 461 -0.65 -17.70 -6.58
N GLN A 462 -0.68 -16.56 -7.25
CA GLN A 462 -1.21 -15.36 -6.64
C GLN A 462 -2.69 -15.55 -6.40
N LYS A 463 -3.10 -15.30 -5.16
CA LYS A 463 -4.49 -15.45 -4.75
C LYS A 463 -4.98 -14.18 -4.09
N THR A 464 -6.30 -14.06 -4.00
CA THR A 464 -6.95 -12.89 -3.44
C THR A 464 -7.93 -13.32 -2.36
N LYS A 465 -7.86 -12.68 -1.20
CA LYS A 465 -8.84 -12.84 -0.14
C LYS A 465 -9.68 -11.55 0.02
N ILE A 466 -10.92 -11.59 -0.44
CA ILE A 466 -11.83 -10.45 -0.31
C ILE A 466 -12.90 -10.83 0.70
N ILE A 467 -12.69 -10.47 1.96
CA ILE A 467 -13.53 -10.98 3.05
C ILE A 467 -14.08 -9.90 3.97
N SER A 468 -15.33 -10.05 4.39
CA SER A 468 -15.91 -9.18 5.40
C SER A 468 -15.88 -7.72 4.98
N ASN A 469 -16.44 -7.45 3.80
CA ASN A 469 -16.71 -6.09 3.36
C ASN A 469 -18.21 -5.92 3.18
N ARG A 470 -18.62 -4.88 2.45
CA ARG A 470 -20.05 -4.62 2.28
C ARG A 470 -20.65 -5.67 1.37
N GLY A 471 -21.79 -6.22 1.78
CA GLY A 471 -22.45 -7.24 1.00
C GLY A 471 -22.84 -6.73 -0.37
N GLU A 472 -22.79 -7.62 -1.36
CA GLU A 472 -23.16 -7.27 -2.73
C GLU A 472 -24.62 -6.79 -2.85
N ASN A 473 -25.55 -7.57 -2.30
CA ASN A 473 -26.96 -7.22 -2.31
C ASN A 473 -27.22 -5.87 -1.65
N SER A 474 -26.44 -5.55 -0.63
CA SER A 474 -26.54 -4.26 0.04
C SER A 474 -26.09 -3.15 -0.90
N CYS A 475 -25.02 -3.42 -1.65
CA CYS A 475 -24.53 -2.46 -2.62
C CYS A 475 -25.52 -2.27 -3.76
N LYS A 476 -26.18 -3.35 -4.19
CA LYS A 476 -27.25 -3.25 -5.19
C LYS A 476 -28.35 -2.31 -4.72
N ALA A 477 -28.68 -2.42 -3.44
CA ALA A 477 -29.81 -1.69 -2.88
C ALA A 477 -29.67 -0.18 -3.04
N THR A 478 -28.42 0.29 -3.09
CA THR A 478 -28.17 1.73 -3.17
C THR A 478 -27.43 2.08 -4.46
N GLY A 479 -27.60 1.25 -5.47
CA GLY A 479 -27.09 1.55 -6.80
C GLY A 479 -25.58 1.60 -6.87
N GLN A 480 -24.93 1.09 -5.83
CA GLN A 480 -23.49 0.97 -5.79
C GLN A 480 -23.10 -0.19 -6.69
N VAL A 481 -23.08 0.08 -7.99
CA VAL A 481 -22.94 -0.96 -9.00
C VAL A 481 -22.07 -0.41 -10.12
N CYS A 482 -21.34 -1.28 -10.82
CA CYS A 482 -20.50 -0.80 -11.91
C CYS A 482 -21.38 -0.09 -12.95
N HIS A 483 -20.83 0.97 -13.53
CA HIS A 483 -21.51 1.76 -14.55
C HIS A 483 -21.90 0.91 -15.75
N ALA A 484 -23.02 1.28 -16.38
CA ALA A 484 -23.45 0.62 -17.60
C ALA A 484 -22.36 0.70 -18.69
N LEU A 485 -21.57 1.76 -18.66
CA LEU A 485 -20.55 1.95 -19.67
C LEU A 485 -19.28 1.16 -19.40
N CYS A 486 -19.20 0.50 -18.25
CA CYS A 486 -18.10 -0.41 -17.97
C CYS A 486 -18.30 -1.72 -18.74
N SER A 487 -17.19 -2.41 -19.00
CA SER A 487 -17.26 -3.79 -19.48
C SER A 487 -17.63 -4.71 -18.31
N PRO A 488 -17.70 -6.02 -18.58
CA PRO A 488 -17.92 -6.97 -17.48
C PRO A 488 -16.67 -7.23 -16.63
N GLU A 489 -15.58 -6.52 -16.90
CA GLU A 489 -14.33 -6.78 -16.20
C GLU A 489 -14.32 -6.10 -14.85
N GLY A 490 -15.33 -5.28 -14.61
CA GLY A 490 -15.55 -4.68 -13.30
C GLY A 490 -15.09 -3.24 -13.18
N CYS A 491 -15.08 -2.75 -11.95
CA CYS A 491 -14.84 -1.33 -11.72
C CYS A 491 -14.16 -1.09 -10.36
N TRP A 492 -13.45 0.03 -10.27
CA TRP A 492 -12.80 0.43 -9.04
C TRP A 492 -13.68 1.40 -8.26
N GLY A 493 -14.90 1.59 -8.73
CA GLY A 493 -15.78 2.61 -8.18
C GLY A 493 -16.98 2.81 -9.10
N PRO A 494 -17.85 3.77 -8.75
CA PRO A 494 -19.16 4.00 -9.38
C PRO A 494 -19.11 4.82 -10.68
N GLU A 495 -18.12 5.69 -10.79
CA GLU A 495 -18.00 6.56 -11.96
C GLU A 495 -17.51 5.78 -13.18
N PRO A 496 -17.75 6.32 -14.39
CA PRO A 496 -17.37 5.63 -15.62
C PRO A 496 -15.85 5.64 -15.84
N ARG A 497 -15.17 6.56 -15.18
CA ARG A 497 -13.72 6.60 -15.23
C ARG A 497 -13.10 5.49 -14.37
N ASP A 498 -13.95 4.78 -13.61
CA ASP A 498 -13.50 3.74 -12.68
C ASP A 498 -13.50 2.35 -13.30
N CYS A 499 -13.91 2.23 -14.55
CA CYS A 499 -14.01 0.92 -15.17
C CYS A 499 -12.64 0.27 -15.34
N VAL A 500 -12.64 -1.06 -15.46
CA VAL A 500 -11.42 -1.80 -15.77
C VAL A 500 -11.16 -1.66 -17.26
N SER A 501 -12.18 -1.98 -18.04
CA SER A 501 -12.20 -1.77 -19.48
C SER A 501 -13.56 -1.22 -19.86
N CYS A 502 -13.69 -0.72 -21.09
CA CYS A 502 -14.90 -0.02 -21.50
C CYS A 502 -15.85 -0.89 -22.31
N ARG A 503 -17.13 -0.59 -22.20
CA ARG A 503 -18.17 -1.30 -22.94
C ARG A 503 -17.98 -1.04 -24.43
N ASN A 504 -17.98 0.23 -24.82
CA ASN A 504 -17.78 0.63 -26.21
C ASN A 504 -16.36 1.14 -26.44
N VAL A 505 -16.08 2.38 -26.05
CA VAL A 505 -14.75 2.95 -26.24
C VAL A 505 -14.40 3.94 -25.11
N SER A 506 -13.15 4.40 -25.08
CA SER A 506 -12.67 5.26 -23.98
C SER A 506 -12.12 6.60 -24.46
N ARG A 507 -12.70 7.67 -23.93
CA ARG A 507 -12.22 9.02 -24.16
C ARG A 507 -11.32 9.43 -22.99
N GLY A 508 -10.01 9.31 -23.19
CA GLY A 508 -9.07 9.54 -22.11
C GLY A 508 -9.20 8.47 -21.03
N ARG A 509 -9.40 8.91 -19.80
CA ARG A 509 -9.56 7.99 -18.67
C ARG A 509 -11.01 7.51 -18.50
N GLU A 510 -11.92 8.06 -19.30
CA GLU A 510 -13.35 7.81 -19.15
C GLU A 510 -13.90 6.84 -20.19
N CYS A 511 -14.83 5.99 -19.77
CA CYS A 511 -15.58 5.17 -20.71
C CYS A 511 -16.76 5.97 -21.25
N VAL A 512 -17.08 5.75 -22.52
CA VAL A 512 -18.15 6.50 -23.18
C VAL A 512 -18.89 5.60 -24.15
N ASP A 513 -20.03 6.06 -24.63
CA ASP A 513 -20.85 5.27 -25.52
C ASP A 513 -20.24 5.24 -26.92
N LYS A 514 -19.75 6.38 -27.38
CA LYS A 514 -19.19 6.49 -28.71
C LYS A 514 -18.22 7.67 -28.78
N CYS A 515 -17.30 7.63 -29.73
CA CYS A 515 -16.40 8.75 -29.98
C CYS A 515 -17.14 9.90 -30.66
N ASN A 516 -16.58 11.10 -30.60
CA ASN A 516 -17.18 12.24 -31.29
C ASN A 516 -16.98 12.11 -32.78
N LEU A 517 -17.62 11.12 -33.38
CA LEU A 517 -17.69 11.02 -34.81
C LEU A 517 -18.89 11.82 -35.25
N LEU A 518 -18.68 12.73 -36.18
CA LEU A 518 -19.75 13.54 -36.76
C LEU A 518 -20.20 14.67 -35.80
N GLU A 519 -20.61 14.31 -34.58
CA GLU A 519 -21.06 15.29 -33.59
C GLU A 519 -19.92 15.74 -32.67
N GLY A 520 -20.27 16.34 -31.53
CA GLY A 520 -19.31 16.59 -30.46
C GLY A 520 -18.41 17.81 -30.59
N GLU A 521 -18.00 18.35 -29.44
CA GLU A 521 -17.24 19.60 -29.42
C GLU A 521 -15.81 19.34 -29.86
N PRO A 522 -15.09 18.46 -29.14
CA PRO A 522 -13.80 17.97 -29.65
C PRO A 522 -14.04 16.85 -30.65
N ARG A 523 -13.64 17.02 -31.90
CA ARG A 523 -13.89 16.02 -32.92
C ARG A 523 -12.79 14.97 -32.87
N GLU A 524 -13.13 13.72 -33.18
CA GLU A 524 -12.25 12.61 -32.90
C GLU A 524 -12.26 11.52 -33.98
N PHE A 525 -11.25 10.66 -33.91
CA PHE A 525 -11.23 9.42 -34.69
C PHE A 525 -10.85 8.28 -33.76
N VAL A 526 -11.19 7.05 -34.16
CA VAL A 526 -10.97 5.87 -33.31
C VAL A 526 -9.68 5.13 -33.64
N GLU A 527 -8.81 4.99 -32.64
CA GLU A 527 -7.61 4.16 -32.76
C GLU A 527 -7.52 3.21 -31.57
N ASN A 528 -7.75 1.93 -31.81
CA ASN A 528 -7.75 0.91 -30.76
C ASN A 528 -8.79 1.18 -29.68
N SER A 529 -10.06 1.21 -30.09
CA SER A 529 -11.17 1.35 -29.15
C SER A 529 -11.03 2.59 -28.25
N GLU A 530 -10.31 3.59 -28.75
CA GLU A 530 -9.88 4.72 -27.93
C GLU A 530 -10.05 6.03 -28.71
N CYS A 531 -11.00 6.86 -28.27
CA CYS A 531 -11.30 8.13 -28.92
C CYS A 531 -10.12 9.08 -28.87
N ILE A 532 -9.65 9.49 -30.05
CA ILE A 532 -8.50 10.39 -30.14
C ILE A 532 -8.89 11.68 -30.83
N GLN A 533 -8.43 12.78 -30.24
CA GLN A 533 -8.78 14.12 -30.68
C GLN A 533 -8.21 14.44 -32.06
N CYS A 534 -9.05 14.96 -32.95
CA CYS A 534 -8.60 15.44 -34.24
C CYS A 534 -7.69 16.63 -34.05
N HIS A 535 -6.79 16.84 -35.00
CA HIS A 535 -5.88 17.97 -34.93
C HIS A 535 -6.69 19.26 -34.79
N PRO A 536 -6.20 20.22 -33.99
CA PRO A 536 -6.98 21.45 -33.79
C PRO A 536 -7.24 22.24 -35.08
N GLU A 537 -6.21 22.40 -35.92
CA GLU A 537 -6.35 23.11 -37.18
C GLU A 537 -7.00 22.24 -38.26
N CYS A 538 -8.20 21.75 -37.97
CA CYS A 538 -9.03 21.04 -38.95
C CYS A 538 -10.49 21.44 -38.69
N LEU A 539 -11.18 21.92 -39.72
CA LEU A 539 -12.54 22.39 -39.54
C LEU A 539 -13.48 21.20 -39.34
N PRO A 540 -14.42 21.32 -38.39
CA PRO A 540 -15.46 20.28 -38.24
C PRO A 540 -16.28 20.10 -39.51
N GLN A 541 -17.22 19.16 -39.50
CA GLN A 541 -17.99 18.84 -40.70
C GLN A 541 -19.44 18.52 -40.35
N ALA A 542 -20.35 18.81 -41.28
CA ALA A 542 -21.75 18.50 -41.10
C ALA A 542 -22.05 17.07 -41.52
N MET A 543 -22.47 16.26 -40.56
CA MET A 543 -22.90 14.88 -40.80
C MET A 543 -21.81 13.99 -41.40
N ASN A 544 -20.55 14.40 -41.26
CA ASN A 544 -19.42 13.62 -41.77
C ASN A 544 -18.20 13.73 -40.87
N ILE A 545 -17.27 12.78 -41.00
CA ILE A 545 -16.07 12.78 -40.17
C ILE A 545 -15.22 14.00 -40.51
N THR A 546 -14.24 14.31 -39.66
CA THR A 546 -13.45 15.53 -39.82
C THR A 546 -11.94 15.27 -39.72
N CYS A 547 -11.56 14.02 -39.52
CA CYS A 547 -10.15 13.64 -39.62
C CYS A 547 -9.99 12.13 -39.64
N THR A 548 -8.80 11.70 -40.04
CA THR A 548 -8.48 10.29 -40.21
C THR A 548 -7.30 9.87 -39.36
N GLY A 549 -6.59 10.85 -38.81
CA GLY A 549 -5.36 10.57 -38.08
C GLY A 549 -4.94 11.72 -37.20
N ARG A 550 -3.78 11.55 -36.56
CA ARG A 550 -3.35 12.46 -35.50
C ARG A 550 -2.68 13.73 -36.05
N GLY A 551 -2.19 13.67 -37.28
CA GLY A 551 -1.48 14.79 -37.87
C GLY A 551 -2.38 15.79 -38.57
N PRO A 552 -1.80 16.92 -39.01
CA PRO A 552 -2.51 17.94 -39.81
C PRO A 552 -2.78 17.47 -41.25
N ASP A 553 -1.97 16.54 -41.74
CA ASP A 553 -2.14 16.00 -43.09
C ASP A 553 -3.12 14.84 -43.10
N ASN A 554 -4.06 14.84 -42.16
CA ASN A 554 -5.04 13.77 -42.06
C ASN A 554 -6.45 14.29 -41.76
N CYS A 555 -6.84 15.40 -42.41
CA CYS A 555 -8.21 15.91 -42.24
C CYS A 555 -8.79 16.60 -43.48
N ILE A 556 -10.08 16.41 -43.70
CA ILE A 556 -10.75 16.78 -44.95
C ILE A 556 -10.47 18.25 -45.26
N GLN A 557 -10.99 19.13 -44.41
CA GLN A 557 -11.00 20.56 -44.67
C GLN A 557 -10.23 21.32 -43.59
N CYS A 558 -9.36 22.22 -44.00
CA CYS A 558 -8.62 23.04 -43.04
C CYS A 558 -9.56 24.03 -42.36
N ALA A 559 -9.10 24.58 -41.25
CA ALA A 559 -9.89 25.50 -40.43
C ALA A 559 -9.34 26.91 -40.59
N HIS A 560 -8.07 26.96 -40.99
CA HIS A 560 -7.37 28.22 -41.19
C HIS A 560 -6.69 28.32 -42.55
N TYR A 561 -5.41 27.98 -42.62
CA TYR A 561 -4.67 28.08 -43.87
C TYR A 561 -4.42 26.67 -44.35
N ILE A 562 -3.62 26.56 -45.41
CA ILE A 562 -3.26 25.27 -46.01
C ILE A 562 -1.98 25.39 -46.83
N ASP A 563 -0.91 24.75 -46.38
CA ASP A 563 0.35 24.72 -47.14
C ASP A 563 0.67 23.29 -47.57
N GLY A 564 0.12 22.91 -48.72
CA GLY A 564 0.36 21.58 -49.29
C GLY A 564 -0.61 20.57 -48.72
N PRO A 565 -0.11 19.53 -48.02
CA PRO A 565 -1.02 18.61 -47.35
C PRO A 565 -1.35 19.06 -45.93
N HIS A 566 -0.59 20.03 -45.42
CA HIS A 566 -0.64 20.42 -44.02
C HIS A 566 -1.57 21.58 -43.72
N CYS A 567 -2.71 21.29 -43.10
CA CYS A 567 -3.61 22.33 -42.63
C CYS A 567 -2.91 23.16 -41.54
N VAL A 568 -2.20 24.20 -41.95
CA VAL A 568 -1.48 25.07 -41.01
C VAL A 568 -2.43 26.12 -40.42
N LYS A 569 -2.05 26.69 -39.28
CA LYS A 569 -2.85 27.73 -38.62
C LYS A 569 -2.50 29.12 -39.14
N THR A 570 -1.26 29.28 -39.59
CA THR A 570 -0.80 30.50 -40.22
C THR A 570 0.34 30.18 -41.17
N CYS A 571 0.34 30.81 -42.33
CA CYS A 571 1.32 30.52 -43.37
C CYS A 571 2.75 30.72 -42.86
N PRO A 572 3.71 29.95 -43.40
CA PRO A 572 5.12 30.12 -43.01
C PRO A 572 5.73 31.40 -43.59
N ALA A 573 5.89 32.43 -42.77
CA ALA A 573 6.43 33.71 -43.21
C ALA A 573 7.71 34.08 -42.46
N GLY A 574 8.85 33.62 -42.96
CA GLY A 574 10.14 33.94 -42.37
C GLY A 574 11.02 32.73 -42.11
N VAL A 575 10.43 31.54 -42.13
CA VAL A 575 11.16 30.31 -41.85
C VAL A 575 12.32 30.13 -42.83
N MET A 576 13.49 29.79 -42.30
CA MET A 576 14.68 29.62 -43.13
C MET A 576 14.60 28.33 -43.94
N GLY A 577 15.38 28.27 -45.01
CA GLY A 577 15.45 27.09 -45.85
C GLY A 577 16.85 26.87 -46.37
N GLU A 578 16.97 26.13 -47.46
CA GLU A 578 18.27 25.84 -48.07
C GLU A 578 19.02 27.12 -48.46
N ASN A 579 20.35 27.02 -48.46
CA ASN A 579 21.24 28.12 -48.81
C ASN A 579 20.91 29.41 -48.05
N ASN A 580 20.40 29.24 -46.83
CA ASN A 580 20.12 30.37 -45.94
C ASN A 580 19.34 31.49 -46.64
N THR A 581 18.08 31.23 -46.94
CA THR A 581 17.21 32.22 -47.55
C THR A 581 15.84 32.21 -46.88
N LEU A 582 15.50 33.31 -46.23
CA LEU A 582 14.22 33.44 -45.55
C LEU A 582 13.05 33.24 -46.52
N VAL A 583 12.44 32.06 -46.42
CA VAL A 583 11.31 31.69 -47.27
C VAL A 583 9.99 32.28 -46.75
N TRP A 584 9.37 33.12 -47.57
CA TRP A 584 8.11 33.77 -47.22
C TRP A 584 6.94 33.22 -48.02
N LYS A 585 5.73 33.38 -47.50
CA LYS A 585 4.52 32.86 -48.13
C LYS A 585 3.32 33.76 -47.81
N TYR A 586 2.46 33.96 -48.80
CA TYR A 586 1.31 34.85 -48.68
C TYR A 586 -0.02 34.09 -48.56
N ALA A 587 -1.06 34.80 -48.16
CA ALA A 587 -2.40 34.21 -48.03
C ALA A 587 -3.07 34.04 -49.39
N ASP A 588 -4.40 33.99 -49.39
CA ASP A 588 -5.17 33.79 -50.60
C ASP A 588 -6.65 33.96 -50.23
N ALA A 589 -7.51 34.18 -51.23
CA ALA A 589 -8.94 34.32 -50.97
C ALA A 589 -9.53 32.97 -50.59
N GLY A 590 -8.89 31.90 -51.04
CA GLY A 590 -9.27 30.54 -50.70
C GLY A 590 -8.46 30.00 -49.54
N HIS A 591 -7.73 30.90 -48.88
CA HIS A 591 -6.96 30.57 -47.68
C HIS A 591 -5.83 29.58 -47.94
N VAL A 592 -5.40 29.47 -49.19
CA VAL A 592 -4.26 28.62 -49.53
C VAL A 592 -2.97 29.43 -49.39
N CYS A 593 -1.93 28.81 -48.85
CA CYS A 593 -0.64 29.49 -48.71
C CYS A 593 0.14 29.40 -50.02
N HIS A 594 0.28 30.54 -50.69
CA HIS A 594 1.02 30.64 -51.93
C HIS A 594 2.39 31.28 -51.68
N LEU A 595 3.36 30.95 -52.54
CA LEU A 595 4.70 31.52 -52.44
C LEU A 595 4.72 33.03 -52.72
N CYS A 596 5.79 33.68 -52.24
CA CYS A 596 6.08 35.07 -52.56
C CYS A 596 7.26 35.15 -53.53
N HIS A 597 7.32 36.22 -54.32
CA HIS A 597 8.40 36.42 -55.27
C HIS A 597 9.74 36.48 -54.53
N PRO A 598 10.77 35.78 -55.03
CA PRO A 598 12.04 35.69 -54.31
C PRO A 598 12.58 37.04 -53.85
N ASN A 599 12.12 38.11 -54.50
CA ASN A 599 12.53 39.47 -54.13
C ASN A 599 12.16 39.81 -52.69
N CYS A 600 10.90 39.55 -52.33
CA CYS A 600 10.39 39.90 -51.01
C CYS A 600 11.21 39.22 -49.90
N THR A 601 11.86 40.04 -49.08
CA THR A 601 12.68 39.55 -47.98
C THR A 601 12.01 39.76 -46.63
N TYR A 602 10.79 40.30 -46.65
CA TYR A 602 10.00 40.51 -45.44
C TYR A 602 8.65 39.80 -45.54
N GLY A 603 8.38 39.22 -46.70
CA GLY A 603 7.10 38.58 -46.96
C GLY A 603 6.19 39.48 -47.77
N CYS A 604 5.31 38.89 -48.58
CA CYS A 604 4.36 39.68 -49.38
C CYS A 604 3.43 40.46 -48.47
N GLN B 1 0.64 -15.95 -13.93
CA GLN B 1 0.40 -16.63 -15.23
C GLN B 1 1.15 -15.95 -16.38
N VAL B 2 2.29 -15.32 -16.09
CA VAL B 2 3.25 -14.91 -17.12
C VAL B 2 4.25 -16.05 -17.34
N GLN B 3 4.59 -16.31 -18.61
CA GLN B 3 5.46 -17.43 -18.94
C GLN B 3 6.46 -17.09 -20.03
N LEU B 4 7.67 -17.64 -19.88
CA LEU B 4 8.75 -17.45 -20.84
C LEU B 4 9.39 -18.77 -21.24
N GLN B 5 8.73 -19.53 -22.12
CA GLN B 5 9.32 -20.76 -22.65
C GLN B 5 10.49 -20.39 -23.54
N GLU B 6 11.68 -20.87 -23.17
CA GLU B 6 12.92 -20.51 -23.87
C GLU B 6 13.60 -21.73 -24.48
N SER B 7 13.67 -21.75 -25.81
CA SER B 7 14.33 -22.83 -26.53
C SER B 7 13.80 -24.20 -26.12
N LEU B 20 18.19 -17.23 -30.60
CA LEU B 20 17.57 -18.12 -29.62
C LEU B 20 16.06 -18.00 -29.63
N SER B 21 15.41 -18.69 -28.70
CA SER B 21 13.96 -18.72 -28.60
C SER B 21 13.50 -18.34 -27.20
N CYS B 22 12.45 -17.52 -27.13
CA CYS B 22 11.87 -17.12 -25.85
C CYS B 22 10.45 -16.62 -26.04
N ALA B 23 9.50 -17.56 -26.02
CA ALA B 23 8.10 -17.24 -26.22
C ALA B 23 7.53 -16.55 -24.98
N ALA B 24 7.11 -15.30 -25.15
CA ALA B 24 6.47 -14.55 -24.08
C ALA B 24 4.97 -14.80 -24.12
N SER B 25 4.36 -14.89 -22.95
CA SER B 25 2.91 -15.07 -22.86
C SER B 25 2.42 -14.78 -21.44
N GLY B 26 1.15 -14.42 -21.33
CA GLY B 26 0.52 -14.23 -20.03
C GLY B 26 -0.18 -12.90 -19.90
N ARG B 27 0.42 -11.86 -20.46
CA ARG B 27 -0.13 -10.51 -20.38
C ARG B 27 0.16 -9.74 -21.65
N THR B 28 -0.75 -8.84 -22.00
CA THR B 28 -0.52 -7.90 -23.08
C THR B 28 0.72 -7.08 -22.74
N PHE B 29 1.83 -7.38 -23.40
CA PHE B 29 3.11 -6.83 -22.99
C PHE B 29 3.36 -5.42 -23.53
N SER B 30 2.32 -4.59 -23.46
CA SER B 30 2.51 -3.17 -23.72
C SER B 30 3.43 -2.59 -22.66
N SER B 31 4.34 -1.72 -23.09
CA SER B 31 5.27 -1.04 -22.19
C SER B 31 5.98 -2.02 -21.26
N TYR B 32 6.25 -3.22 -21.79
CA TYR B 32 7.14 -4.16 -21.13
C TYR B 32 8.53 -4.04 -21.75
N ALA B 33 9.51 -4.69 -21.11
CA ALA B 33 10.87 -4.75 -21.63
C ALA B 33 11.43 -6.15 -21.42
N MET B 34 12.01 -6.73 -22.47
CA MET B 34 12.51 -8.10 -22.40
C MET B 34 13.95 -8.19 -22.87
N GLY B 35 14.79 -8.89 -22.11
CA GLY B 35 16.20 -9.05 -22.43
C GLY B 35 16.77 -10.39 -22.00
N TRP B 36 18.10 -10.52 -22.10
CA TRP B 36 18.80 -11.75 -21.73
C TRP B 36 19.92 -11.50 -20.73
N PHE B 37 20.31 -12.55 -20.01
CA PHE B 37 21.30 -12.46 -18.93
C PHE B 37 22.32 -13.61 -19.02
N ARG B 38 23.40 -13.49 -18.27
CA ARG B 38 24.45 -14.51 -18.26
C ARG B 38 24.83 -14.91 -16.82
N GLN B 39 24.66 -16.19 -16.49
CA GLN B 39 24.96 -16.70 -15.15
C GLN B 39 26.36 -17.31 -15.10
N ALA B 40 27.29 -16.56 -14.51
CA ALA B 40 28.66 -17.05 -14.34
C ALA B 40 28.66 -18.27 -13.41
N PRO B 41 29.44 -19.31 -13.76
CA PRO B 41 29.47 -20.51 -12.91
C PRO B 41 30.21 -20.26 -11.59
N GLY B 42 31.11 -19.28 -11.59
CA GLY B 42 31.88 -18.91 -10.41
C GLY B 42 31.72 -17.45 -10.04
N LYS B 43 30.58 -16.87 -10.38
CA LYS B 43 30.32 -15.46 -10.10
C LYS B 43 28.82 -15.18 -10.04
N GLN B 44 28.47 -13.90 -10.07
CA GLN B 44 27.07 -13.48 -10.07
C GLN B 44 26.49 -13.44 -11.49
N ARG B 45 25.19 -13.14 -11.58
CA ARG B 45 24.56 -12.95 -12.87
C ARG B 45 25.18 -11.76 -13.60
N GLU B 46 24.81 -11.57 -14.85
CA GLU B 46 25.32 -10.47 -15.65
C GLU B 46 24.38 -10.14 -16.79
N PHE B 47 24.23 -8.85 -17.06
CA PHE B 47 23.40 -8.38 -18.16
C PHE B 47 23.92 -8.92 -19.49
N VAL B 48 23.07 -8.92 -20.51
CA VAL B 48 23.51 -9.25 -21.87
C VAL B 48 22.88 -8.28 -22.87
N ALA B 49 21.56 -8.35 -23.00
CA ALA B 49 20.85 -7.51 -23.95
C ALA B 49 19.46 -7.19 -23.42
N ALA B 50 18.74 -6.34 -24.15
CA ALA B 50 17.41 -5.90 -23.74
C ALA B 50 16.75 -5.09 -24.85
N ILE B 51 15.42 -5.06 -24.84
CA ILE B 51 14.64 -4.38 -25.87
C ILE B 51 13.24 -4.07 -25.36
N ARG B 52 12.73 -2.90 -25.73
CA ARG B 52 11.36 -2.54 -25.39
C ARG B 52 10.41 -3.09 -26.43
N TRP B 53 9.24 -3.53 -25.98
CA TRP B 53 8.25 -4.13 -26.88
C TRP B 53 7.35 -3.07 -27.52
N SER B 54 7.27 -1.90 -26.89
CA SER B 54 6.41 -0.81 -27.39
C SER B 54 7.25 0.26 -28.08
N GLY B 55 8.30 -0.18 -28.76
CA GLY B 55 9.22 0.72 -29.45
C GLY B 55 10.53 0.00 -29.64
N GLY B 56 10.95 -0.17 -30.89
CA GLY B 56 12.11 -0.98 -31.20
C GLY B 56 13.43 -0.40 -30.72
N TYR B 57 13.56 -0.19 -29.41
CA TYR B 57 14.80 0.29 -28.84
C TYR B 57 15.57 -0.91 -28.30
N THR B 58 16.89 -0.86 -28.34
CA THR B 58 17.69 -1.97 -27.79
C THR B 58 18.84 -1.44 -26.95
N TYR B 59 19.57 -2.37 -26.33
CA TYR B 59 20.71 -2.01 -25.51
C TYR B 59 21.54 -3.26 -25.19
N TYR B 60 22.83 -3.18 -25.51
CA TYR B 60 23.76 -4.28 -25.24
C TYR B 60 24.87 -3.76 -24.31
N THR B 61 25.69 -4.68 -23.81
CA THR B 61 26.95 -4.29 -23.16
C THR B 61 27.95 -4.00 -24.26
N ASP B 62 29.22 -3.86 -23.88
CA ASP B 62 30.27 -3.59 -24.85
C ASP B 62 30.90 -4.89 -25.33
N SER B 63 30.89 -5.90 -24.46
CA SER B 63 31.50 -7.20 -24.76
C SER B 63 30.86 -7.90 -25.95
N VAL B 64 29.58 -7.64 -26.17
CA VAL B 64 28.84 -8.24 -27.27
C VAL B 64 28.24 -7.18 -28.18
N LYS B 65 28.66 -5.93 -27.97
CA LYS B 65 28.15 -4.80 -28.74
C LYS B 65 28.37 -5.00 -30.23
N GLY B 66 27.27 -5.02 -30.99
CA GLY B 66 27.33 -5.21 -32.42
C GLY B 66 27.44 -6.68 -32.83
N ARG B 67 27.92 -7.51 -31.90
CA ARG B 67 28.09 -8.94 -32.18
C ARG B 67 26.75 -9.65 -32.30
N PHE B 68 25.77 -9.19 -31.50
CA PHE B 68 24.44 -9.80 -31.47
C PHE B 68 23.38 -8.93 -32.13
N THR B 69 22.34 -9.59 -32.64
CA THR B 69 21.22 -8.91 -33.30
C THR B 69 19.90 -9.49 -32.81
N ILE B 70 19.61 -9.28 -31.53
CA ILE B 70 18.36 -9.76 -30.92
C ILE B 70 17.21 -8.78 -31.17
N SER B 71 16.06 -9.31 -31.63
CA SER B 71 14.92 -8.47 -31.96
C SER B 71 13.57 -9.16 -31.72
N ARG B 72 12.49 -8.50 -32.14
CA ARG B 72 11.14 -9.04 -31.96
C ARG B 72 10.68 -9.84 -33.17
N ASP B 73 9.47 -10.36 -33.12
CA ASP B 73 8.89 -11.11 -34.22
C ASP B 73 7.48 -10.60 -34.56
N ASN B 74 6.74 -11.38 -35.33
CA ASN B 74 5.38 -11.04 -35.71
C ASN B 74 4.37 -11.55 -34.67
N ALA B 75 3.39 -10.71 -34.34
CA ALA B 75 2.38 -11.05 -33.35
C ALA B 75 2.99 -11.14 -31.94
N LYS B 76 2.12 -11.22 -30.94
CA LYS B 76 2.54 -11.28 -29.54
C LYS B 76 2.65 -12.73 -29.08
N THR B 77 3.86 -13.17 -28.71
CA THR B 77 5.06 -12.35 -28.72
C THR B 77 6.29 -13.20 -28.41
N THR B 78 7.29 -13.13 -29.28
CA THR B 78 8.54 -13.88 -29.07
C THR B 78 9.74 -12.97 -29.27
N VAL B 79 10.81 -13.24 -28.54
CA VAL B 79 12.03 -12.47 -28.65
C VAL B 79 13.20 -13.42 -28.89
N TYR B 80 13.95 -13.16 -29.97
CA TYR B 80 15.08 -13.99 -30.35
C TYR B 80 16.40 -13.33 -29.99
N LEU B 81 17.48 -14.10 -30.08
CA LEU B 81 18.83 -13.56 -29.91
C LEU B 81 19.79 -14.21 -30.91
N GLN B 82 20.03 -13.53 -32.03
CA GLN B 82 20.95 -14.03 -33.05
C GLN B 82 22.39 -13.87 -32.58
N MET B 83 22.92 -14.92 -31.95
CA MET B 83 24.27 -14.89 -31.42
C MET B 83 25.30 -15.28 -32.49
N ASN B 84 25.42 -14.45 -33.53
CA ASN B 84 26.39 -14.70 -34.59
C ASN B 84 27.80 -14.28 -34.17
N SER B 85 28.80 -15.00 -34.66
CA SER B 85 30.20 -14.77 -34.32
C SER B 85 30.42 -14.96 -32.82
N LEU B 86 30.07 -16.14 -32.33
CA LEU B 86 30.23 -16.47 -30.92
C LEU B 86 31.71 -16.58 -30.52
N LYS B 87 32.07 -15.90 -29.44
CA LYS B 87 33.43 -15.98 -28.92
C LYS B 87 33.48 -16.82 -27.64
N PRO B 88 34.63 -17.47 -27.39
CA PRO B 88 34.87 -18.30 -26.19
C PRO B 88 35.01 -17.47 -24.92
N GLU B 89 34.28 -16.36 -24.84
CA GLU B 89 34.34 -15.49 -23.68
C GLU B 89 33.03 -15.56 -22.89
N ASP B 90 31.93 -15.76 -23.60
CA ASP B 90 30.61 -15.80 -22.99
C ASP B 90 30.27 -17.18 -22.42
N THR B 91 31.27 -17.84 -21.84
CA THR B 91 31.06 -19.16 -21.26
C THR B 91 30.27 -19.06 -19.95
N ALA B 92 28.97 -19.25 -20.05
CA ALA B 92 28.08 -19.15 -18.90
C ALA B 92 26.71 -19.72 -19.28
N VAL B 93 25.69 -19.37 -18.50
CA VAL B 93 24.32 -19.82 -18.79
C VAL B 93 23.44 -18.63 -19.15
N TYR B 94 22.61 -18.80 -20.18
CA TYR B 94 21.71 -17.75 -20.65
C TYR B 94 20.35 -17.84 -19.95
N TYR B 95 19.76 -16.68 -19.66
CA TYR B 95 18.44 -16.59 -19.07
C TYR B 95 17.58 -15.61 -19.85
N CYS B 96 16.25 -15.72 -19.70
CA CYS B 96 15.31 -14.85 -20.36
C CYS B 96 14.36 -14.18 -19.37
N ALA B 97 14.39 -12.85 -19.33
CA ALA B 97 13.64 -12.09 -18.33
C ALA B 97 12.71 -11.06 -18.98
N ALA B 98 11.75 -10.59 -18.19
CA ALA B 98 10.75 -9.63 -18.65
C ALA B 98 10.30 -8.74 -17.50
N THR B 99 9.86 -7.53 -17.83
CA THR B 99 9.37 -6.62 -16.80
C THR B 99 8.48 -5.53 -17.39
N TYR B 100 7.64 -4.97 -16.52
CA TYR B 100 6.78 -3.84 -16.87
C TYR B 100 7.53 -2.55 -16.57
N LEU B 101 7.22 -1.50 -17.33
CA LEU B 101 7.81 -0.19 -17.09
C LEU B 101 6.73 0.86 -16.99
N SER B 102 6.79 1.66 -15.93
CA SER B 102 5.75 2.64 -15.69
C SER B 102 5.87 3.83 -16.66
N SER B 103 4.79 4.57 -16.80
CA SER B 103 4.75 5.67 -17.76
C SER B 103 5.79 6.74 -17.43
N ASP B 104 6.14 6.88 -16.16
CA ASP B 104 7.11 7.89 -15.77
C ASP B 104 8.52 7.47 -16.18
N TYR B 105 8.67 6.22 -16.60
CA TYR B 105 9.97 5.70 -17.02
C TYR B 105 10.29 6.14 -18.45
N SER B 106 11.56 6.42 -18.72
CA SER B 106 12.01 6.86 -20.04
C SER B 106 11.59 5.87 -21.12
N ARG B 107 10.87 6.36 -22.12
CA ARG B 107 10.38 5.49 -23.18
C ARG B 107 11.48 5.16 -24.19
N TYR B 108 12.72 5.51 -23.84
CA TYR B 108 13.87 5.26 -24.70
C TYR B 108 14.91 4.36 -24.01
N ALA B 109 14.67 4.03 -22.75
CA ALA B 109 15.67 3.39 -21.90
C ALA B 109 15.37 1.92 -21.57
N LEU B 110 16.31 1.26 -20.91
CA LEU B 110 16.20 -0.17 -20.59
C LEU B 110 16.92 -0.50 -19.28
N PRO B 111 16.22 -1.08 -18.30
CA PRO B 111 16.93 -1.46 -17.06
C PRO B 111 17.91 -2.59 -17.32
N GLN B 112 18.94 -2.72 -16.47
CA GLN B 112 20.02 -3.69 -16.70
C GLN B 112 20.25 -4.63 -15.52
N ARG B 113 20.01 -4.15 -14.30
CA ARG B 113 20.15 -4.99 -13.12
C ARG B 113 19.18 -6.16 -13.18
N PRO B 114 19.58 -7.34 -12.68
CA PRO B 114 18.63 -8.44 -12.57
C PRO B 114 17.44 -8.06 -11.68
N LEU B 115 17.72 -7.30 -10.62
CA LEU B 115 16.69 -6.83 -9.70
C LEU B 115 15.52 -6.19 -10.43
N ASP B 116 15.82 -5.53 -11.55
CA ASP B 116 14.81 -4.75 -12.26
C ASP B 116 13.82 -5.60 -13.05
N TYR B 117 14.05 -6.90 -13.09
CA TYR B 117 13.17 -7.81 -13.83
C TYR B 117 12.42 -8.74 -12.88
N ASP B 118 11.11 -8.85 -13.09
CA ASP B 118 10.22 -9.57 -12.19
C ASP B 118 9.98 -11.03 -12.61
N TYR B 119 9.96 -11.30 -13.90
CA TYR B 119 9.71 -12.65 -14.41
C TYR B 119 10.93 -13.21 -15.16
N TRP B 120 11.29 -14.45 -14.86
CA TRP B 120 12.49 -15.07 -15.44
C TRP B 120 12.21 -16.44 -16.08
N GLY B 121 13.09 -16.85 -16.99
CA GLY B 121 12.99 -18.15 -17.64
C GLY B 121 13.66 -19.22 -16.81
N GLN B 122 13.74 -20.43 -17.36
CA GLN B 122 14.29 -21.58 -16.64
C GLN B 122 15.74 -21.86 -17.00
N GLY B 123 16.35 -20.98 -17.79
CA GLY B 123 17.74 -21.12 -18.16
C GLY B 123 17.99 -22.16 -19.24
N THR B 124 18.48 -21.70 -20.38
CA THR B 124 18.92 -22.58 -21.46
C THR B 124 20.44 -22.46 -21.60
N GLN B 125 21.10 -23.56 -21.92
CA GLN B 125 22.55 -23.58 -22.08
C GLN B 125 22.97 -24.28 -23.37
N VAL B 126 23.52 -23.51 -24.30
CA VAL B 126 24.04 -24.04 -25.55
C VAL B 126 25.56 -23.88 -25.57
N THR B 127 26.25 -24.81 -26.24
CA THR B 127 27.71 -24.80 -26.32
C THR B 127 28.20 -25.02 -27.76
N VAL B 128 29.05 -24.12 -28.24
CA VAL B 128 29.56 -24.18 -29.61
C VAL B 128 31.07 -24.40 -29.63
N ASP C 1 -29.61 -8.30 5.58
CA ASP C 1 -28.33 -9.01 5.79
C ASP C 1 -28.38 -10.41 5.16
N ILE C 2 -27.34 -11.19 5.41
CA ILE C 2 -27.26 -12.55 4.89
C ILE C 2 -27.60 -13.56 6.00
N LEU C 3 -28.36 -14.59 5.62
CA LEU C 3 -28.83 -15.60 6.57
C LEU C 3 -28.20 -16.96 6.29
N LEU C 4 -27.76 -17.62 7.35
CA LEU C 4 -27.18 -18.96 7.23
C LEU C 4 -28.14 -19.97 7.82
N THR C 5 -28.89 -20.65 6.96
CA THR C 5 -29.82 -21.68 7.41
C THR C 5 -29.12 -23.02 7.50
N GLN C 6 -29.09 -23.58 8.70
CA GLN C 6 -28.49 -24.90 8.94
C GLN C 6 -29.58 -25.95 9.08
N SER C 7 -29.40 -27.10 8.45
CA SER C 7 -30.37 -28.18 8.57
C SER C 7 -29.70 -29.57 8.67
N PRO C 8 -30.31 -30.49 9.42
CA PRO C 8 -31.53 -30.25 10.18
C PRO C 8 -31.18 -29.55 11.47
N VAL C 9 -32.12 -29.43 12.40
CA VAL C 9 -31.79 -28.85 13.69
C VAL C 9 -31.09 -29.92 14.53
N ILE C 10 -31.58 -31.15 14.41
CA ILE C 10 -31.01 -32.29 15.12
C ILE C 10 -30.75 -33.38 14.10
N LEU C 11 -29.83 -34.27 14.40
CA LEU C 11 -29.41 -35.27 13.43
C LEU C 11 -28.98 -36.55 14.15
N SER C 12 -29.91 -37.47 14.33
CA SER C 12 -29.66 -38.71 15.08
C SER C 12 -29.11 -39.81 14.16
N VAL C 13 -27.97 -40.37 14.53
CA VAL C 13 -27.20 -41.18 13.60
C VAL C 13 -26.48 -42.31 14.31
N SER C 14 -26.51 -43.49 13.71
CA SER C 14 -25.78 -44.64 14.24
C SER C 14 -24.36 -44.65 13.70
N PRO C 15 -23.39 -45.13 14.49
CA PRO C 15 -21.98 -45.09 14.09
C PRO C 15 -21.72 -45.90 12.83
N GLY C 16 -20.80 -45.44 11.99
CA GLY C 16 -20.56 -46.06 10.69
C GLY C 16 -21.34 -45.37 9.58
N GLU C 17 -22.54 -44.89 9.88
CA GLU C 17 -23.34 -44.17 8.91
C GLU C 17 -22.59 -42.95 8.37
N ARG C 18 -23.04 -42.50 7.20
CA ARG C 18 -22.57 -41.25 6.61
C ARG C 18 -23.31 -40.08 7.24
N VAL C 19 -22.69 -38.91 7.32
CA VAL C 19 -23.38 -37.73 7.85
C VAL C 19 -23.04 -36.48 7.05
N SER C 20 -24.07 -35.77 6.64
CA SER C 20 -23.92 -34.50 5.94
C SER C 20 -24.70 -33.39 6.64
N PHE C 21 -24.00 -32.32 7.01
CA PHE C 21 -24.66 -31.15 7.56
C PHE C 21 -24.83 -30.13 6.43
N SER C 22 -26.03 -29.55 6.32
CA SER C 22 -26.28 -28.48 5.35
C SER C 22 -26.16 -27.11 5.98
N CYS C 23 -25.52 -26.20 5.24
CA CYS C 23 -25.52 -24.78 5.55
C CYS C 23 -25.78 -24.04 4.25
N ARG C 24 -26.99 -23.49 4.11
CA ARG C 24 -27.37 -22.73 2.91
C ARG C 24 -27.34 -21.25 3.22
N ALA C 25 -26.73 -20.47 2.32
CA ALA C 25 -26.61 -19.03 2.50
C ALA C 25 -27.57 -18.28 1.58
N SER C 26 -28.24 -17.26 2.13
CA SER C 26 -29.26 -16.53 1.38
C SER C 26 -28.67 -15.82 0.17
N GLN C 27 -27.36 -15.60 0.18
CA GLN C 27 -26.66 -14.97 -0.92
C GLN C 27 -25.50 -15.84 -1.33
N SER C 28 -25.05 -15.71 -2.57
CA SER C 28 -23.97 -16.54 -3.07
C SER C 28 -22.63 -15.93 -2.70
N ILE C 29 -21.83 -16.71 -1.95
CA ILE C 29 -20.64 -16.16 -1.29
C ILE C 29 -19.40 -16.96 -1.66
N GLY C 30 -19.45 -17.63 -2.80
CA GLY C 30 -18.29 -18.34 -3.31
C GLY C 30 -17.95 -19.53 -2.43
N THR C 31 -16.83 -19.45 -1.73
CA THR C 31 -16.47 -20.47 -0.76
C THR C 31 -15.96 -19.84 0.54
N ASN C 32 -16.43 -18.63 0.84
CA ASN C 32 -16.09 -17.95 2.08
C ASN C 32 -16.92 -18.49 3.24
N ILE C 33 -16.74 -19.79 3.52
CA ILE C 33 -17.45 -20.48 4.58
C ILE C 33 -16.48 -21.24 5.49
N HIS C 34 -16.79 -21.26 6.78
CA HIS C 34 -16.01 -22.00 7.76
C HIS C 34 -16.91 -22.90 8.59
N TRP C 35 -16.34 -23.98 9.10
CA TRP C 35 -17.08 -24.96 9.89
C TRP C 35 -16.48 -25.16 11.27
N TYR C 36 -17.36 -25.33 12.27
CA TYR C 36 -16.91 -25.51 13.64
C TYR C 36 -17.58 -26.70 14.31
N GLN C 37 -16.83 -27.36 15.17
CA GLN C 37 -17.38 -28.34 16.10
C GLN C 37 -17.37 -27.72 17.48
N GLN C 38 -18.47 -27.87 18.23
CA GLN C 38 -18.48 -27.47 19.62
C GLN C 38 -18.96 -28.59 20.52
N ARG C 39 -18.04 -29.08 21.34
CA ARG C 39 -18.29 -30.17 22.27
C ARG C 39 -18.79 -29.62 23.60
N THR C 40 -19.59 -30.42 24.29
CA THR C 40 -20.18 -30.02 25.58
C THR C 40 -19.20 -29.29 26.50
N ASN C 41 -19.64 -28.13 26.98
CA ASN C 41 -18.83 -27.27 27.86
C ASN C 41 -17.47 -26.98 27.26
N GLY C 42 -17.42 -26.92 25.93
CA GLY C 42 -16.19 -26.64 25.22
C GLY C 42 -16.34 -25.39 24.37
N SER C 43 -15.22 -24.74 24.10
CA SER C 43 -15.20 -23.63 23.15
C SER C 43 -15.16 -24.24 21.75
N PRO C 44 -15.84 -23.59 20.78
CA PRO C 44 -15.97 -24.14 19.44
C PRO C 44 -14.61 -24.51 18.84
N ARG C 45 -14.63 -25.44 17.88
CA ARG C 45 -13.41 -25.98 17.28
C ARG C 45 -13.48 -25.89 15.77
N LEU C 46 -12.56 -25.14 15.19
CA LEU C 46 -12.44 -25.00 13.74
C LEU C 46 -12.15 -26.35 13.05
N LEU C 47 -13.02 -26.76 12.14
CA LEU C 47 -12.86 -28.03 11.41
C LEU C 47 -12.39 -27.83 9.98
N ILE C 48 -13.16 -27.05 9.23
CA ILE C 48 -12.90 -26.74 7.83
C ILE C 48 -12.87 -25.24 7.63
N LYS C 49 -11.92 -24.77 6.83
CA LYS C 49 -11.89 -23.37 6.41
C LYS C 49 -12.12 -23.33 4.91
N TYR C 50 -12.68 -22.22 4.45
CA TYR C 50 -13.06 -22.01 3.06
C TYR C 50 -13.67 -23.23 2.38
N ALA C 51 -14.72 -23.75 3.02
CA ALA C 51 -15.59 -24.77 2.47
C ALA C 51 -14.97 -26.16 2.32
N SER C 52 -13.65 -26.28 2.24
CA SER C 52 -13.06 -27.59 1.94
C SER C 52 -11.65 -27.78 2.47
N GLU C 53 -10.96 -26.67 2.74
CA GLU C 53 -9.60 -26.74 3.24
C GLU C 53 -9.58 -27.35 4.63
N SER C 54 -8.76 -28.37 4.79
CA SER C 54 -8.70 -29.16 6.01
C SER C 54 -7.77 -28.54 7.03
N ILE C 55 -8.22 -28.48 8.27
CA ILE C 55 -7.39 -27.93 9.35
C ILE C 55 -6.57 -29.06 9.97
N SER C 56 -5.29 -28.80 10.24
CA SER C 56 -4.42 -29.82 10.82
C SER C 56 -4.94 -30.20 12.19
N GLY C 57 -4.89 -31.49 12.49
CA GLY C 57 -5.29 -32.00 13.77
C GLY C 57 -6.69 -32.55 13.75
N ILE C 58 -7.39 -32.32 12.65
CA ILE C 58 -8.77 -32.79 12.55
C ILE C 58 -8.75 -34.17 11.92
N PRO C 59 -9.55 -35.09 12.44
CA PRO C 59 -9.67 -36.39 11.77
C PRO C 59 -9.94 -36.27 10.28
N SER C 60 -9.32 -37.16 9.50
CA SER C 60 -9.53 -37.16 8.06
C SER C 60 -10.99 -37.39 7.70
N ARG C 61 -11.77 -37.95 8.62
CA ARG C 61 -13.13 -38.34 8.29
C ARG C 61 -14.01 -37.12 8.05
N PHE C 62 -13.58 -35.97 8.57
CA PHE C 62 -14.27 -34.72 8.32
C PHE C 62 -13.82 -34.09 7.00
N SER C 63 -14.80 -33.61 6.24
CA SER C 63 -14.51 -32.98 4.96
C SER C 63 -15.62 -32.01 4.62
N GLY C 64 -15.33 -31.11 3.69
CA GLY C 64 -16.28 -30.08 3.29
C GLY C 64 -16.33 -29.87 1.78
N SER C 65 -17.49 -29.41 1.32
CA SER C 65 -17.72 -29.25 -0.10
C SER C 65 -18.75 -28.15 -0.38
N GLY C 66 -19.01 -27.91 -1.66
CA GLY C 66 -20.07 -26.99 -2.03
C GLY C 66 -19.55 -25.58 -2.16
N SER C 67 -20.37 -24.73 -2.78
CA SER C 67 -20.00 -23.35 -2.97
C SER C 67 -21.21 -22.54 -3.41
N GLY C 68 -21.00 -21.25 -3.61
CA GLY C 68 -22.10 -20.36 -3.92
C GLY C 68 -23.00 -20.18 -2.71
N THR C 69 -24.01 -21.03 -2.61
CA THR C 69 -25.01 -20.90 -1.55
C THR C 69 -25.18 -22.17 -0.73
N ASP C 70 -25.04 -23.33 -1.39
CA ASP C 70 -25.18 -24.63 -0.72
C ASP C 70 -23.84 -25.19 -0.27
N PHE C 71 -23.70 -25.39 1.04
CA PHE C 71 -22.46 -25.92 1.62
C PHE C 71 -22.73 -27.17 2.47
N THR C 72 -21.76 -28.09 2.48
CA THR C 72 -21.94 -29.38 3.15
C THR C 72 -20.72 -29.83 3.93
N LEU C 73 -20.91 -30.00 5.24
CA LEU C 73 -19.93 -30.68 6.08
C LEU C 73 -20.27 -32.16 6.11
N SER C 74 -19.26 -33.00 5.87
CA SER C 74 -19.45 -34.43 5.72
C SER C 74 -18.60 -35.23 6.71
N ILE C 75 -19.09 -36.40 7.10
CA ILE C 75 -18.30 -37.35 7.89
C ILE C 75 -18.35 -38.76 7.30
N ASN C 76 -17.17 -39.31 6.98
CA ASN C 76 -17.01 -40.65 6.40
C ASN C 76 -17.84 -41.71 7.10
N SER C 77 -17.44 -41.98 8.34
CA SER C 77 -18.17 -42.85 9.23
C SER C 77 -18.16 -42.17 10.60
N VAL C 78 -19.34 -41.82 11.10
CA VAL C 78 -19.44 -41.18 12.39
C VAL C 78 -18.89 -42.08 13.48
N GLU C 79 -18.26 -41.47 14.48
CA GLU C 79 -17.79 -42.18 15.65
C GLU C 79 -18.44 -41.57 16.89
N SER C 80 -18.49 -42.36 17.96
CA SER C 80 -19.13 -41.95 19.20
C SER C 80 -18.72 -40.55 19.63
N GLU C 81 -17.46 -40.21 19.44
CA GLU C 81 -16.91 -38.97 19.97
C GLU C 81 -17.35 -37.76 19.15
N ASP C 82 -17.91 -38.02 17.98
CA ASP C 82 -18.35 -36.94 17.10
C ASP C 82 -19.56 -36.17 17.64
N ILE C 83 -20.17 -36.70 18.70
CA ILE C 83 -21.27 -36.02 19.38
C ILE C 83 -20.85 -34.58 19.70
N ALA C 84 -21.55 -33.62 19.11
CA ALA C 84 -21.28 -32.20 19.32
C ALA C 84 -22.30 -31.33 18.59
N ASP C 85 -22.24 -30.04 18.81
CA ASP C 85 -22.93 -29.08 17.96
C ASP C 85 -21.98 -28.69 16.84
N TYR C 86 -22.53 -28.45 15.65
CA TYR C 86 -21.74 -28.09 14.49
C TYR C 86 -22.27 -26.79 13.87
N TYR C 87 -21.38 -25.82 13.71
CA TYR C 87 -21.73 -24.50 13.18
C TYR C 87 -21.02 -24.17 11.89
N CYS C 88 -21.71 -23.45 11.01
CA CYS C 88 -21.09 -22.86 9.84
C CYS C 88 -21.00 -21.34 10.01
N GLN C 89 -20.06 -20.74 9.28
CA GLN C 89 -19.68 -19.34 9.46
C GLN C 89 -19.35 -18.70 8.10
N GLN C 90 -19.96 -17.55 7.81
CA GLN C 90 -19.68 -16.84 6.56
C GLN C 90 -18.69 -15.72 6.80
N ASN C 91 -17.98 -15.39 5.73
CA ASN C 91 -16.76 -14.60 5.78
C ASN C 91 -16.79 -13.55 4.68
N ASN C 92 -17.95 -13.43 4.04
CA ASN C 92 -18.13 -12.60 2.85
C ASN C 92 -18.60 -11.19 3.18
N ASN C 93 -19.70 -11.11 3.95
CA ASN C 93 -20.32 -9.83 4.30
C ASN C 93 -20.04 -9.40 5.73
N TRP C 94 -19.79 -8.12 5.91
CA TRP C 94 -19.50 -7.59 7.24
C TRP C 94 -20.80 -7.54 8.04
N PRO C 95 -20.82 -8.10 9.26
CA PRO C 95 -19.75 -8.80 9.97
C PRO C 95 -19.89 -10.31 9.80
N THR C 96 -18.86 -11.08 10.16
CA THR C 96 -18.99 -12.52 10.19
C THR C 96 -20.23 -12.91 10.99
N THR C 97 -20.93 -13.93 10.52
CA THR C 97 -22.10 -14.44 11.21
C THR C 97 -22.02 -15.96 11.27
N PHE C 98 -22.75 -16.55 12.22
CA PHE C 98 -22.76 -18.00 12.41
C PHE C 98 -24.17 -18.57 12.20
N GLY C 99 -24.25 -19.86 11.89
CA GLY C 99 -25.54 -20.53 11.76
C GLY C 99 -26.06 -20.93 13.12
N ALA C 100 -27.33 -21.32 13.19
CA ALA C 100 -27.94 -21.68 14.48
C ALA C 100 -27.44 -23.03 14.99
N GLY C 101 -26.65 -23.71 14.17
CA GLY C 101 -26.08 -24.99 14.54
C GLY C 101 -26.95 -26.19 14.19
N THR C 102 -26.30 -27.34 14.13
CA THR C 102 -26.96 -28.63 13.99
C THR C 102 -26.39 -29.54 15.05
N LYS C 103 -27.26 -30.15 15.86
CA LYS C 103 -26.81 -31.06 16.91
C LYS C 103 -26.74 -32.48 16.41
N LEU C 104 -25.58 -33.11 16.58
CA LEU C 104 -25.39 -34.48 16.17
C LEU C 104 -25.53 -35.45 17.35
N GLU C 105 -26.68 -36.09 17.46
CA GLU C 105 -26.92 -37.15 18.45
C GLU C 105 -26.54 -38.52 17.88
N LEU C 106 -26.10 -39.43 18.73
CA LEU C 106 -25.76 -40.79 18.30
C LEU C 106 -26.63 -41.90 18.87
N LYS C 107 -26.94 -42.87 18.01
CA LYS C 107 -27.69 -44.06 18.39
C LYS C 107 -26.75 -45.19 18.76
N ARG C 108 -27.13 -45.96 19.78
CA ARG C 108 -26.40 -47.17 20.16
C ARG C 108 -27.40 -48.26 20.55
N THR C 109 -26.86 -49.42 20.90
CA THR C 109 -27.69 -50.53 21.34
C THR C 109 -28.31 -50.18 22.69
N VAL C 110 -29.49 -50.73 23.00
CA VAL C 110 -30.11 -50.49 24.31
C VAL C 110 -29.18 -50.86 25.46
N ALA C 111 -29.17 -50.01 26.49
CA ALA C 111 -28.37 -50.20 27.69
C ALA C 111 -29.18 -49.82 28.90
N ALA C 112 -29.24 -50.73 29.87
CA ALA C 112 -30.01 -50.50 31.10
C ALA C 112 -29.19 -49.73 32.15
N PRO C 113 -29.86 -48.85 32.91
CA PRO C 113 -29.14 -48.03 33.89
C PRO C 113 -28.65 -48.84 35.09
N SER C 114 -27.56 -48.38 35.69
CA SER C 114 -27.12 -48.89 36.99
C SER C 114 -27.56 -47.93 38.09
N VAL C 115 -28.52 -48.38 38.91
CA VAL C 115 -29.10 -47.53 39.94
C VAL C 115 -28.28 -47.51 41.23
N PHE C 116 -28.26 -46.35 41.86
CA PHE C 116 -27.61 -46.16 43.16
C PHE C 116 -28.47 -45.18 43.96
N ILE C 117 -28.45 -45.30 45.29
CA ILE C 117 -29.20 -44.37 46.12
C ILE C 117 -28.37 -43.91 47.30
N PHE C 118 -28.48 -42.62 47.60
CA PHE C 118 -27.60 -41.98 48.56
C PHE C 118 -28.41 -41.29 49.65
N PRO C 119 -28.24 -41.72 50.90
CA PRO C 119 -28.96 -41.05 51.98
C PRO C 119 -28.38 -39.68 52.31
N PRO C 120 -29.18 -38.80 52.93
CA PRO C 120 -28.71 -37.50 53.41
C PRO C 120 -27.49 -37.61 54.30
N SER C 121 -26.48 -36.79 54.03
CA SER C 121 -25.31 -36.75 54.88
C SER C 121 -25.71 -36.31 56.28
N ASP C 122 -24.94 -36.74 57.28
CA ASP C 122 -25.18 -36.26 58.62
C ASP C 122 -24.83 -34.78 58.69
N GLU C 123 -23.87 -34.38 57.86
CA GLU C 123 -23.45 -32.98 57.81
C GLU C 123 -24.61 -32.08 57.39
N GLN C 124 -25.39 -32.56 56.42
CA GLN C 124 -26.50 -31.77 55.89
C GLN C 124 -27.64 -31.69 56.89
N LEU C 125 -27.97 -32.84 57.48
CA LEU C 125 -29.03 -32.89 58.48
C LEU C 125 -28.74 -31.93 59.62
N LYS C 126 -27.47 -31.84 60.05
CA LYS C 126 -27.08 -30.94 61.12
C LYS C 126 -27.45 -29.50 60.78
N SER C 127 -27.33 -29.15 59.50
CA SER C 127 -27.57 -27.78 59.06
C SER C 127 -29.07 -27.47 58.92
N GLY C 128 -29.89 -28.52 58.89
CA GLY C 128 -31.33 -28.36 58.99
C GLY C 128 -32.17 -28.95 57.87
N THR C 129 -31.53 -29.39 56.79
CA THR C 129 -32.27 -29.94 55.65
C THR C 129 -31.77 -31.33 55.24
N ALA C 130 -32.45 -31.94 54.26
CA ALA C 130 -32.15 -33.30 53.83
C ALA C 130 -32.33 -33.53 52.33
N SER C 131 -31.26 -34.00 51.68
CA SER C 131 -31.31 -34.37 50.27
C SER C 131 -31.10 -35.86 50.08
N VAL C 132 -32.02 -36.48 49.35
CA VAL C 132 -31.87 -37.86 48.94
C VAL C 132 -31.60 -37.92 47.43
N VAL C 133 -30.66 -38.77 47.03
CA VAL C 133 -30.19 -38.77 45.65
C VAL C 133 -30.21 -40.15 45.03
N CYS C 134 -30.84 -40.26 43.87
CA CYS C 134 -30.84 -41.48 43.10
C CYS C 134 -30.06 -41.24 41.82
N LEU C 135 -29.06 -42.07 41.57
CA LEU C 135 -28.25 -41.97 40.36
C LEU C 135 -28.57 -43.14 39.45
N LEU C 136 -28.89 -42.83 38.20
CA LEU C 136 -29.00 -43.86 37.15
C LEU C 136 -27.79 -43.69 36.26
N ASN C 137 -26.93 -44.70 36.21
CA ASN C 137 -25.65 -44.54 35.54
C ASN C 137 -25.59 -45.24 34.19
N ASN C 138 -25.09 -44.51 33.19
CA ASN C 138 -24.79 -45.06 31.87
C ASN C 138 -25.90 -45.88 31.20
N PHE C 139 -27.02 -45.24 30.87
CA PHE C 139 -28.13 -45.91 30.18
C PHE C 139 -28.34 -45.39 28.76
N TYR C 140 -29.09 -46.14 27.97
CA TYR C 140 -29.55 -45.69 26.65
C TYR C 140 -30.82 -46.46 26.27
N PRO C 141 -31.83 -45.78 25.71
CA PRO C 141 -31.97 -44.35 25.43
C PRO C 141 -32.29 -43.48 26.64
N ARG C 142 -32.45 -42.18 26.37
CA ARG C 142 -32.61 -41.16 27.40
C ARG C 142 -33.91 -41.29 28.16
N GLU C 143 -34.97 -41.72 27.48
CA GLU C 143 -36.28 -41.85 28.12
C GLU C 143 -36.20 -42.80 29.32
N ALA C 144 -36.43 -42.25 30.50
CA ALA C 144 -36.40 -43.03 31.74
C ALA C 144 -37.33 -42.41 32.77
N LYS C 145 -37.77 -43.21 33.73
CA LYS C 145 -38.65 -42.73 34.79
C LYS C 145 -38.11 -43.11 36.16
N VAL C 146 -38.13 -42.14 37.07
CA VAL C 146 -37.78 -42.35 38.47
C VAL C 146 -38.99 -42.08 39.37
N GLN C 147 -39.22 -42.97 40.32
CA GLN C 147 -40.29 -42.81 41.30
C GLN C 147 -39.71 -42.85 42.71
N TRP C 148 -39.89 -41.76 43.46
CA TRP C 148 -39.52 -41.72 44.88
C TRP C 148 -40.67 -42.16 45.77
N LYS C 149 -40.62 -43.40 46.25
CA LYS C 149 -41.66 -43.91 47.14
C LYS C 149 -41.17 -43.91 48.58
N VAL C 150 -41.69 -43.00 49.40
CA VAL C 150 -41.37 -42.97 50.83
C VAL C 150 -42.39 -43.77 51.64
N ASP C 151 -41.91 -44.84 52.27
CA ASP C 151 -42.78 -45.79 52.96
C ASP C 151 -43.91 -46.22 52.02
N ASN C 152 -43.53 -46.50 50.76
CA ASN C 152 -44.45 -47.00 49.76
C ASN C 152 -45.48 -45.96 49.32
N ALA C 153 -45.14 -44.69 49.48
CA ALA C 153 -46.04 -43.60 49.11
C ALA C 153 -45.43 -42.72 48.01
N LEU C 154 -46.03 -42.75 46.83
CA LEU C 154 -45.50 -42.01 45.68
C LEU C 154 -45.39 -40.50 45.94
N GLN C 155 -44.16 -40.05 46.14
CA GLN C 155 -43.86 -38.62 46.25
C GLN C 155 -44.11 -37.96 44.91
N SER C 156 -44.35 -36.64 44.93
CA SER C 156 -44.59 -35.88 43.70
C SER C 156 -44.45 -34.38 43.90
N GLY C 157 -43.55 -33.77 43.14
CA GLY C 157 -43.37 -32.33 43.15
C GLY C 157 -42.30 -31.83 44.10
N ASN C 158 -41.62 -32.77 44.76
CA ASN C 158 -40.53 -32.45 45.68
C ASN C 158 -39.22 -33.06 45.21
N SER C 159 -39.15 -33.35 43.92
CA SER C 159 -37.94 -33.90 43.32
C SER C 159 -37.57 -33.14 42.04
N GLN C 160 -36.27 -32.99 41.82
CA GLN C 160 -35.71 -32.40 40.62
C GLN C 160 -34.70 -33.37 40.03
N GLU C 161 -34.70 -33.49 38.71
CA GLU C 161 -33.76 -34.39 38.04
C GLU C 161 -32.80 -33.60 37.17
N SER C 162 -31.82 -34.32 36.63
CA SER C 162 -30.78 -33.73 35.79
C SER C 162 -30.13 -34.83 34.97
N VAL C 163 -29.96 -34.60 33.67
CA VAL C 163 -29.39 -35.61 32.79
C VAL C 163 -28.14 -35.06 32.14
N THR C 164 -27.07 -35.83 32.18
CA THR C 164 -25.81 -35.42 31.57
C THR C 164 -25.87 -35.59 30.05
N GLU C 165 -24.98 -34.94 29.31
CA GLU C 165 -24.96 -35.12 27.86
C GLU C 165 -24.48 -36.52 27.51
N GLN C 166 -24.77 -36.94 26.28
CA GLN C 166 -24.32 -38.24 25.78
C GLN C 166 -22.81 -38.39 25.86
N ASP C 167 -22.34 -39.59 26.21
CA ASP C 167 -20.94 -39.78 26.56
C ASP C 167 -20.00 -39.80 25.36
N SER C 168 -18.80 -39.27 25.59
CA SER C 168 -17.77 -39.29 24.56
C SER C 168 -17.52 -40.69 24.00
N LYS C 169 -17.39 -41.67 24.89
CA LYS C 169 -16.88 -42.99 24.54
C LYS C 169 -17.96 -44.06 24.34
N ASP C 170 -18.84 -44.26 25.32
CA ASP C 170 -19.89 -45.28 25.18
C ASP C 170 -21.21 -44.65 24.76
N SER C 171 -21.25 -43.33 24.69
CA SER C 171 -22.42 -42.59 24.22
C SER C 171 -23.70 -42.99 24.97
N THR C 172 -23.57 -43.16 26.28
CA THR C 172 -24.70 -43.43 27.15
C THR C 172 -25.12 -42.15 27.88
N TYR C 173 -26.18 -42.25 28.69
CA TYR C 173 -26.62 -41.14 29.52
C TYR C 173 -26.54 -41.48 30.99
N SER C 174 -26.53 -40.45 31.82
CA SER C 174 -26.62 -40.61 33.27
C SER C 174 -27.60 -39.59 33.80
N LEU C 175 -28.30 -39.95 34.86
CA LEU C 175 -29.35 -39.13 35.42
C LEU C 175 -29.19 -39.06 36.93
N SER C 176 -29.49 -37.88 37.47
CA SER C 176 -29.42 -37.65 38.91
C SER C 176 -30.71 -37.02 39.42
N SER C 177 -31.60 -37.86 39.95
CA SER C 177 -32.81 -37.39 40.61
C SER C 177 -32.56 -37.06 42.09
N THR C 178 -33.18 -36.00 42.58
CA THR C 178 -32.91 -35.49 43.91
C THR C 178 -34.19 -35.12 44.64
N LEU C 179 -34.47 -35.86 45.71
CA LEU C 179 -35.62 -35.62 46.57
C LEU C 179 -35.22 -34.80 47.80
N THR C 180 -35.85 -33.64 47.97
CA THR C 180 -35.58 -32.79 49.14
C THR C 180 -36.75 -32.82 50.09
N LEU C 181 -36.44 -32.99 51.37
CA LEU C 181 -37.43 -33.04 52.43
C LEU C 181 -36.98 -32.20 53.62
N SER C 182 -37.94 -31.74 54.43
CA SER C 182 -37.62 -31.13 55.70
C SER C 182 -37.08 -32.21 56.61
N LYS C 183 -36.06 -31.87 57.40
CA LYS C 183 -35.45 -32.83 58.34
C LYS C 183 -36.56 -33.46 59.16
N ALA C 184 -37.54 -32.63 59.52
CA ALA C 184 -38.74 -33.11 60.18
C ALA C 184 -39.40 -34.20 59.37
N ASP C 185 -39.85 -33.88 58.16
CA ASP C 185 -40.53 -34.87 57.34
C ASP C 185 -39.61 -36.08 57.13
N TYR C 186 -38.32 -35.83 57.00
CA TYR C 186 -37.39 -36.91 56.75
C TYR C 186 -37.39 -37.92 57.87
N GLU C 187 -37.32 -37.42 59.10
CA GLU C 187 -37.17 -38.27 60.26
C GLU C 187 -38.50 -38.80 60.76
N LYS C 188 -39.57 -38.49 60.03
CA LYS C 188 -40.89 -39.00 60.36
C LYS C 188 -41.18 -40.27 59.57
N HIS C 189 -40.14 -40.87 58.99
CA HIS C 189 -40.30 -42.04 58.12
C HIS C 189 -39.11 -42.98 58.17
N LYS C 190 -39.28 -44.17 57.61
CA LYS C 190 -38.28 -45.24 57.66
C LYS C 190 -37.71 -45.60 56.29
N VAL C 191 -38.59 -46.01 55.38
CA VAL C 191 -38.18 -46.51 54.06
C VAL C 191 -38.10 -45.39 53.01
N TYR C 192 -37.04 -45.42 52.20
CA TYR C 192 -36.88 -44.47 51.10
C TYR C 192 -36.50 -45.21 49.82
N ALA C 193 -37.36 -45.12 48.81
CA ALA C 193 -37.19 -45.90 47.59
C ALA C 193 -36.98 -45.05 46.35
N CYS C 194 -36.47 -45.72 45.32
CA CYS C 194 -36.27 -45.12 44.01
C CYS C 194 -36.55 -46.17 42.96
N GLU C 195 -37.79 -46.25 42.49
CA GLU C 195 -38.16 -47.18 41.42
C GLU C 195 -37.80 -46.58 40.08
N VAL C 196 -37.25 -47.40 39.19
CA VAL C 196 -36.73 -46.92 37.91
C VAL C 196 -37.15 -47.80 36.76
N THR C 197 -38.00 -47.25 35.88
CA THR C 197 -38.43 -47.96 34.68
C THR C 197 -37.58 -47.56 33.49
N HIS C 198 -37.29 -48.52 32.62
CA HIS C 198 -36.47 -48.25 31.45
C HIS C 198 -36.70 -49.30 30.35
N GLN C 199 -36.40 -48.93 29.11
CA GLN C 199 -36.61 -49.85 27.98
C GLN C 199 -35.62 -51.01 28.00
N GLY C 200 -34.67 -50.97 28.94
CA GLY C 200 -33.69 -52.03 29.10
C GLY C 200 -33.90 -52.83 30.37
N LEU C 201 -35.06 -52.63 30.99
CA LEU C 201 -35.42 -53.36 32.21
C LEU C 201 -36.74 -54.09 32.00
N SER C 202 -36.72 -55.40 32.21
CA SER C 202 -37.91 -56.24 32.05
C SER C 202 -38.92 -55.92 33.14
N SER C 203 -38.39 -55.72 34.34
CA SER C 203 -39.20 -55.34 35.49
C SER C 203 -38.51 -54.16 36.14
N PRO C 204 -39.30 -53.23 36.73
CA PRO C 204 -38.71 -52.04 37.36
C PRO C 204 -37.64 -52.36 38.41
N VAL C 205 -36.56 -51.58 38.43
CA VAL C 205 -35.52 -51.72 39.43
C VAL C 205 -35.70 -50.67 40.52
N THR C 206 -35.68 -51.12 41.78
CA THR C 206 -35.81 -50.22 42.91
C THR C 206 -34.63 -50.42 43.85
N LYS C 207 -34.11 -49.31 44.36
CA LYS C 207 -33.08 -49.33 45.38
C LYS C 207 -33.57 -48.50 46.54
N SER C 208 -33.19 -48.89 47.76
CA SER C 208 -33.68 -48.19 48.94
C SER C 208 -32.79 -48.37 50.16
N PHE C 209 -33.17 -47.69 51.23
CA PHE C 209 -32.51 -47.84 52.51
C PHE C 209 -33.48 -47.46 53.63
N ASN C 210 -33.11 -47.83 54.86
CA ASN C 210 -33.85 -47.46 56.07
C ASN C 210 -33.06 -46.45 56.90
N ARG C 211 -33.76 -45.51 57.52
CA ARG C 211 -33.11 -44.39 58.19
C ARG C 211 -32.14 -44.82 59.29
N GLN D 1 2.86 -23.32 21.82
CA GLN D 1 1.40 -23.33 22.03
C GLN D 1 0.85 -21.92 21.87
N VAL D 2 -0.23 -21.79 21.09
CA VAL D 2 -0.98 -20.55 21.05
C VAL D 2 -2.09 -20.69 22.08
N GLN D 3 -2.17 -19.72 23.01
CA GLN D 3 -3.17 -19.79 24.07
C GLN D 3 -3.78 -18.45 24.42
N LEU D 4 -5.11 -18.43 24.48
CA LEU D 4 -5.85 -17.28 25.00
C LEU D 4 -6.44 -17.70 26.32
N LYS D 5 -6.10 -17.00 27.40
CA LYS D 5 -6.68 -17.30 28.69
C LYS D 5 -7.41 -16.08 29.20
N GLN D 6 -8.64 -16.28 29.65
CA GLN D 6 -9.52 -15.21 30.10
C GLN D 6 -9.59 -15.11 31.62
N SER D 7 -9.90 -13.90 32.07
CA SER D 7 -10.09 -13.62 33.49
C SER D 7 -11.02 -12.45 33.64
N GLY D 8 -12.03 -12.62 34.49
CA GLY D 8 -12.96 -11.54 34.78
C GLY D 8 -14.19 -12.10 35.46
N PRO D 9 -14.76 -11.34 36.42
CA PRO D 9 -16.00 -11.82 37.03
C PRO D 9 -17.13 -11.83 36.00
N GLY D 10 -18.02 -12.81 36.10
CA GLY D 10 -19.09 -12.97 35.13
C GLY D 10 -20.42 -12.44 35.62
N LEU D 11 -20.58 -12.31 36.93
CA LEU D 11 -21.76 -11.69 37.51
C LEU D 11 -21.69 -10.19 37.38
N VAL D 12 -22.68 -9.61 36.69
CA VAL D 12 -22.82 -8.16 36.52
C VAL D 12 -24.26 -7.75 36.85
N GLN D 13 -24.42 -6.66 37.58
CA GLN D 13 -25.77 -6.17 37.87
C GLN D 13 -26.29 -5.45 36.64
N PRO D 14 -27.63 -5.46 36.42
CA PRO D 14 -28.12 -4.72 35.26
C PRO D 14 -27.68 -3.27 35.29
N SER D 15 -27.61 -2.64 34.12
CA SER D 15 -27.17 -1.24 33.97
C SER D 15 -25.66 -1.08 34.21
N GLN D 16 -24.99 -2.14 34.67
CA GLN D 16 -23.56 -2.10 34.94
C GLN D 16 -22.76 -2.70 33.78
N SER D 17 -21.45 -2.83 33.97
CA SER D 17 -20.53 -3.14 32.89
C SER D 17 -19.74 -4.44 33.11
N LEU D 18 -19.35 -5.07 32.01
CA LEU D 18 -18.64 -6.34 31.99
C LEU D 18 -17.22 -6.10 31.57
N SER D 19 -16.26 -6.74 32.24
CA SER D 19 -14.85 -6.54 31.96
C SER D 19 -14.10 -7.86 31.94
N ILE D 20 -13.42 -8.16 30.83
CA ILE D 20 -12.68 -9.40 30.68
C ILE D 20 -11.29 -9.11 30.16
N THR D 21 -10.32 -9.94 30.56
CA THR D 21 -8.94 -9.75 30.15
C THR D 21 -8.41 -10.99 29.48
N CYS D 22 -8.20 -10.89 28.17
CA CYS D 22 -7.66 -11.99 27.39
C CYS D 22 -6.13 -11.92 27.43
N THR D 23 -5.51 -12.74 28.27
CA THR D 23 -4.06 -12.80 28.34
C THR D 23 -3.58 -13.77 27.28
N VAL D 24 -2.63 -13.31 26.48
CA VAL D 24 -2.20 -14.04 25.30
C VAL D 24 -0.83 -14.67 25.47
N SER D 25 -0.64 -15.82 24.83
CA SER D 25 0.66 -16.47 24.79
C SER D 25 0.78 -17.24 23.49
N GLY D 26 1.97 -17.22 22.89
CA GLY D 26 2.24 -17.96 21.67
C GLY D 26 2.28 -17.11 20.41
N PHE D 27 1.86 -15.86 20.51
CA PHE D 27 1.94 -14.91 19.40
C PHE D 27 1.94 -13.49 19.94
N SER D 28 2.27 -12.54 19.07
CA SER D 28 2.32 -11.13 19.45
C SER D 28 1.04 -10.39 19.08
N LEU D 29 0.60 -9.47 19.93
CA LEU D 29 -0.55 -8.63 19.60
C LEU D 29 -0.16 -7.60 18.55
N THR D 30 1.11 -7.62 18.16
CA THR D 30 1.64 -6.75 17.10
C THR D 30 1.34 -7.30 15.71
N ASN D 31 1.07 -8.60 15.63
CA ASN D 31 0.90 -9.25 14.34
C ASN D 31 -0.49 -9.79 14.11
N TYR D 32 -1.27 -9.95 15.16
CA TYR D 32 -2.61 -10.52 15.05
C TYR D 32 -3.59 -9.72 15.87
N GLY D 33 -4.82 -9.66 15.38
CA GLY D 33 -5.89 -9.02 16.11
C GLY D 33 -6.54 -10.05 17.01
N VAL D 34 -7.30 -9.58 17.99
CA VAL D 34 -7.99 -10.46 18.91
C VAL D 34 -9.46 -10.11 18.86
N HIS D 35 -10.26 -11.10 18.48
CA HIS D 35 -11.69 -10.93 18.29
C HIS D 35 -12.45 -11.29 19.56
N TRP D 36 -13.67 -10.77 19.68
CA TRP D 36 -14.53 -11.08 20.79
C TRP D 36 -15.87 -11.60 20.32
N VAL D 37 -16.21 -12.80 20.75
CA VAL D 37 -17.42 -13.46 20.34
C VAL D 37 -18.18 -13.83 21.60
N ARG D 38 -19.50 -13.86 21.53
CA ARG D 38 -20.31 -14.35 22.62
C ARG D 38 -21.27 -15.38 22.08
N GLN D 39 -21.84 -16.18 22.98
CA GLN D 39 -22.73 -17.26 22.59
C GLN D 39 -23.94 -17.30 23.51
N SER D 40 -25.04 -16.73 23.03
CA SER D 40 -26.28 -16.74 23.77
C SER D 40 -26.83 -18.14 23.80
N PRO D 41 -27.59 -18.49 24.84
CA PRO D 41 -28.27 -19.80 24.79
C PRO D 41 -29.41 -19.78 23.77
N GLY D 42 -29.79 -18.60 23.28
CA GLY D 42 -30.91 -18.45 22.36
C GLY D 42 -30.62 -17.73 21.04
N LYS D 43 -29.74 -16.73 21.06
CA LYS D 43 -29.40 -15.97 19.85
C LYS D 43 -28.08 -16.46 19.22
N GLY D 44 -27.59 -17.60 19.71
CA GLY D 44 -26.46 -18.30 19.10
C GLY D 44 -25.12 -17.58 19.22
N LEU D 45 -24.26 -17.79 18.23
CA LEU D 45 -22.92 -17.20 18.23
C LEU D 45 -22.90 -15.81 17.60
N GLU D 46 -22.40 -14.82 18.35
CA GLU D 46 -22.36 -13.42 17.93
C GLU D 46 -20.96 -12.82 17.93
N TRP D 47 -20.51 -12.33 16.77
CA TRP D 47 -19.26 -11.59 16.72
C TRP D 47 -19.48 -10.18 17.26
N LEU D 48 -18.71 -9.81 18.29
CA LEU D 48 -18.87 -8.49 18.91
C LEU D 48 -17.95 -7.44 18.32
N GLY D 49 -16.70 -7.80 18.07
CA GLY D 49 -15.73 -6.82 17.64
C GLY D 49 -14.31 -7.32 17.70
N VAL D 50 -13.39 -6.42 17.37
CA VAL D 50 -11.98 -6.76 17.23
C VAL D 50 -11.10 -5.63 17.71
N ILE D 51 -9.90 -5.96 18.11
CA ILE D 51 -8.86 -4.97 18.26
C ILE D 51 -7.72 -5.46 17.37
N TRP D 52 -7.51 -4.75 16.27
CA TRP D 52 -6.50 -5.12 15.31
C TRP D 52 -5.10 -4.89 15.89
N SER D 53 -4.11 -5.52 15.28
CA SER D 53 -2.71 -5.32 15.64
C SER D 53 -2.31 -3.85 15.81
N GLY D 54 -2.93 -2.96 15.05
CA GLY D 54 -2.57 -1.55 15.08
C GLY D 54 -3.15 -0.77 16.24
N GLY D 55 -4.11 -1.35 16.95
CA GLY D 55 -4.76 -0.68 18.06
C GLY D 55 -6.09 -0.06 17.65
N ASN D 56 -6.30 0.08 16.35
CA ASN D 56 -7.61 0.42 15.82
C ASN D 56 -8.60 -0.68 16.16
N THR D 57 -9.86 -0.33 16.38
CA THR D 57 -10.86 -1.33 16.72
C THR D 57 -12.13 -1.17 15.89
N ASP D 58 -12.77 -2.31 15.65
CA ASP D 58 -14.03 -2.36 14.92
C ASP D 58 -15.06 -3.08 15.78
N TYR D 59 -16.26 -2.52 15.88
CA TYR D 59 -17.32 -3.12 16.68
C TYR D 59 -18.54 -3.41 15.81
N ASN D 60 -19.22 -4.51 16.09
CA ASN D 60 -20.49 -4.81 15.44
C ASN D 60 -21.51 -3.76 15.85
N THR D 61 -22.39 -3.38 14.93
CA THR D 61 -23.18 -2.16 15.09
C THR D 61 -24.06 -2.16 16.35
N PRO D 62 -24.58 -3.34 16.75
CA PRO D 62 -25.35 -3.32 18.01
C PRO D 62 -24.52 -3.00 19.25
N PHE D 63 -23.22 -2.72 19.11
CA PHE D 63 -22.35 -2.54 20.27
C PHE D 63 -21.41 -1.34 20.16
N THR D 64 -21.41 -0.68 19.00
CA THR D 64 -20.50 0.45 18.77
C THR D 64 -20.48 1.44 19.93
N SER D 65 -21.67 1.83 20.39
CA SER D 65 -21.79 2.90 21.37
C SER D 65 -21.59 2.44 22.81
N ARG D 66 -21.57 1.12 23.04
CA ARG D 66 -21.38 0.58 24.40
C ARG D 66 -20.28 -0.48 24.53
N LEU D 67 -19.26 -0.40 23.69
CA LEU D 67 -18.20 -1.39 23.69
C LEU D 67 -16.85 -0.76 23.51
N SER D 68 -15.89 -1.25 24.29
CA SER D 68 -14.54 -0.71 24.27
C SER D 68 -13.51 -1.82 24.41
N ILE D 69 -12.71 -2.00 23.36
CA ILE D 69 -11.58 -2.92 23.42
C ILE D 69 -10.30 -2.11 23.34
N ASN D 70 -9.43 -2.31 24.33
CA ASN D 70 -8.09 -1.74 24.33
C ASN D 70 -7.14 -2.87 24.63
N LYS D 71 -5.84 -2.61 24.52
CA LYS D 71 -4.86 -3.65 24.81
C LYS D 71 -3.55 -3.09 25.34
N ASP D 72 -2.62 -4.00 25.62
CA ASP D 72 -1.26 -3.64 25.98
C ASP D 72 -0.29 -4.65 25.39
N ASN D 73 0.32 -4.29 24.26
CA ASN D 73 1.20 -5.18 23.51
C ASN D 73 2.29 -5.81 24.37
N SER D 74 2.90 -5.01 25.24
CA SER D 74 3.97 -5.48 26.11
C SER D 74 3.49 -6.57 27.08
N LYS D 75 2.53 -6.23 27.93
CA LYS D 75 1.99 -7.17 28.90
C LYS D 75 1.30 -8.35 28.21
N SER D 76 1.12 -8.24 26.90
CA SER D 76 0.60 -9.34 26.10
C SER D 76 -0.85 -9.65 26.48
N GLN D 77 -1.67 -8.60 26.64
CA GLN D 77 -3.07 -8.78 27.03
C GLN D 77 -4.05 -7.78 26.38
N VAL D 78 -5.29 -8.23 26.27
CA VAL D 78 -6.38 -7.48 25.67
C VAL D 78 -7.46 -7.27 26.70
N PHE D 79 -8.04 -6.07 26.71
CA PHE D 79 -9.10 -5.72 27.66
C PHE D 79 -10.42 -5.43 26.96
N PHE D 80 -11.41 -6.28 27.23
CA PHE D 80 -12.77 -6.15 26.72
C PHE D 80 -13.63 -5.41 27.75
N LYS D 81 -14.58 -4.60 27.30
CA LYS D 81 -15.36 -3.81 28.24
C LYS D 81 -16.67 -3.30 27.65
N MET D 82 -17.76 -3.97 28.01
CA MET D 82 -19.07 -3.61 27.50
C MET D 82 -19.92 -2.98 28.61
N ASN D 83 -20.45 -1.80 28.34
CA ASN D 83 -21.16 -1.01 29.35
C ASN D 83 -22.66 -1.25 29.39
N SER D 84 -23.28 -0.79 30.48
CA SER D 84 -24.72 -0.92 30.75
C SER D 84 -25.33 -2.22 30.21
N LEU D 85 -25.06 -3.33 30.88
CA LEU D 85 -25.56 -4.63 30.44
C LEU D 85 -27.01 -4.82 30.80
N GLN D 86 -27.61 -5.87 30.23
CA GLN D 86 -29.00 -6.19 30.53
C GLN D 86 -29.20 -7.70 30.42
N SER D 87 -30.43 -8.13 30.70
CA SER D 87 -30.73 -9.55 30.72
C SER D 87 -30.26 -10.25 29.46
N ASN D 88 -30.63 -9.69 28.31
CA ASN D 88 -30.29 -10.28 27.01
C ASN D 88 -28.79 -10.45 26.77
N ASP D 89 -27.96 -9.82 27.61
CA ASP D 89 -26.52 -9.92 27.46
C ASP D 89 -25.96 -11.16 28.19
N THR D 90 -26.83 -11.89 28.88
CA THR D 90 -26.42 -13.14 29.51
C THR D 90 -25.90 -14.12 28.48
N ALA D 91 -24.61 -14.44 28.55
CA ALA D 91 -23.98 -15.40 27.64
C ALA D 91 -22.53 -15.69 28.01
N ILE D 92 -21.94 -16.68 27.36
CA ILE D 92 -20.50 -16.94 27.51
C ILE D 92 -19.79 -16.00 26.56
N TYR D 93 -18.82 -15.25 27.06
CA TYR D 93 -18.03 -14.35 26.24
C TYR D 93 -16.65 -14.94 25.98
N TYR D 94 -16.30 -15.07 24.70
CA TYR D 94 -15.02 -15.64 24.29
C TYR D 94 -14.10 -14.59 23.73
N CYS D 95 -12.80 -14.84 23.79
CA CYS D 95 -11.84 -14.13 22.95
C CYS D 95 -11.24 -15.15 21.99
N ALA D 96 -10.96 -14.73 20.76
CA ALA D 96 -10.46 -15.65 19.74
C ALA D 96 -9.44 -15.01 18.85
N ARG D 97 -8.56 -15.83 18.27
CA ARG D 97 -7.58 -15.38 17.28
C ARG D 97 -7.74 -16.18 16.00
N ALA D 98 -7.53 -15.52 14.87
CA ALA D 98 -7.71 -16.16 13.57
C ALA D 98 -6.48 -16.94 13.21
N LEU D 99 -6.68 -17.99 12.43
CA LEU D 99 -5.59 -18.82 11.99
C LEU D 99 -4.57 -17.99 11.21
N THR D 100 -5.07 -17.24 10.23
CA THR D 100 -4.23 -16.42 9.36
C THR D 100 -4.48 -14.94 9.59
N TYR D 101 -3.53 -14.09 9.20
CA TYR D 101 -3.67 -12.64 9.32
C TYR D 101 -4.97 -12.08 8.71
N TYR D 102 -5.53 -11.09 9.39
CA TYR D 102 -6.63 -10.29 8.86
C TYR D 102 -7.92 -11.09 8.64
N ASP D 103 -7.88 -12.40 8.88
CA ASP D 103 -9.00 -13.27 8.55
C ASP D 103 -9.90 -13.58 9.77
N TYR D 104 -10.84 -14.51 9.60
CA TYR D 104 -11.89 -14.73 10.59
C TYR D 104 -12.18 -16.21 10.86
N GLU D 105 -11.29 -17.07 10.38
CA GLU D 105 -11.39 -18.49 10.71
C GLU D 105 -10.67 -18.69 12.05
N PHE D 106 -11.49 -18.85 13.08
CA PHE D 106 -11.03 -18.83 14.45
C PHE D 106 -10.56 -20.20 14.92
N ALA D 107 -9.25 -20.36 14.98
CA ALA D 107 -8.62 -21.64 15.35
C ALA D 107 -8.28 -21.68 16.83
N TYR D 108 -8.15 -20.51 17.44
CA TYR D 108 -7.71 -20.38 18.81
C TYR D 108 -8.70 -19.56 19.63
N TRP D 109 -9.38 -20.22 20.59
CA TRP D 109 -10.37 -19.56 21.45
C TRP D 109 -9.94 -19.51 22.92
N GLY D 110 -10.44 -18.51 23.65
CA GLY D 110 -10.28 -18.48 25.10
C GLY D 110 -11.22 -19.48 25.72
N GLN D 111 -11.14 -19.69 27.04
CA GLN D 111 -11.92 -20.73 27.71
C GLN D 111 -13.40 -20.33 27.87
N GLY D 112 -13.69 -19.06 27.66
CA GLY D 112 -15.03 -18.55 27.82
C GLY D 112 -15.22 -17.98 29.21
N THR D 113 -16.02 -16.93 29.31
CA THR D 113 -16.42 -16.37 30.59
C THR D 113 -17.92 -16.39 30.65
N LEU D 114 -18.46 -17.16 31.57
CA LEU D 114 -19.89 -17.21 31.76
C LEU D 114 -20.35 -15.95 32.47
N VAL D 115 -21.07 -15.11 31.73
CA VAL D 115 -21.59 -13.85 32.27
C VAL D 115 -23.05 -14.00 32.67
N THR D 116 -23.32 -13.81 33.96
CA THR D 116 -24.68 -13.81 34.47
C THR D 116 -25.10 -12.38 34.80
N VAL D 117 -26.23 -11.96 34.26
CA VAL D 117 -26.76 -10.65 34.55
C VAL D 117 -27.90 -10.81 35.55
N SER D 118 -27.71 -10.32 36.76
CA SER D 118 -28.77 -10.35 37.75
C SER D 118 -28.43 -9.44 38.92
N ALA D 119 -29.47 -8.99 39.61
CA ALA D 119 -29.30 -8.20 40.82
C ALA D 119 -29.17 -9.10 42.04
N ALA D 120 -29.21 -10.41 41.84
CA ALA D 120 -29.01 -11.35 42.93
C ALA D 120 -27.54 -11.36 43.37
N SER D 121 -27.31 -11.68 44.65
CA SER D 121 -25.97 -11.66 45.23
C SER D 121 -25.29 -13.01 45.19
N THR D 122 -23.96 -12.99 45.28
CA THR D 122 -23.17 -14.21 45.25
C THR D 122 -23.34 -15.00 46.55
N LYS D 123 -23.44 -16.32 46.43
CA LYS D 123 -23.53 -17.21 47.60
C LYS D 123 -22.74 -18.46 47.33
N GLY D 124 -21.87 -18.84 48.27
CA GLY D 124 -21.06 -20.04 48.13
C GLY D 124 -21.83 -21.31 48.47
N PRO D 125 -21.36 -22.46 47.96
CA PRO D 125 -22.03 -23.74 48.17
C PRO D 125 -21.59 -24.51 49.41
N SER D 126 -22.46 -25.40 49.87
CA SER D 126 -22.10 -26.42 50.85
C SER D 126 -21.76 -27.69 50.08
N VAL D 127 -20.83 -28.49 50.60
CA VAL D 127 -20.47 -29.74 49.95
C VAL D 127 -20.81 -30.90 50.88
N PHE D 128 -21.51 -31.89 50.36
CA PHE D 128 -21.97 -33.00 51.16
C PHE D 128 -21.55 -34.34 50.55
N PRO D 129 -21.11 -35.28 51.39
CA PRO D 129 -20.74 -36.59 50.85
C PRO D 129 -21.92 -37.40 50.33
N LEU D 130 -21.74 -38.06 49.20
CA LEU D 130 -22.64 -39.13 48.79
C LEU D 130 -21.93 -40.46 49.01
N ALA D 131 -21.94 -40.90 50.27
CA ALA D 131 -21.19 -42.07 50.69
C ALA D 131 -21.75 -43.34 50.07
N PRO D 132 -20.86 -44.23 49.60
CA PRO D 132 -21.29 -45.43 48.86
C PRO D 132 -21.85 -46.51 49.78
N SER D 133 -22.98 -47.09 49.38
CA SER D 133 -23.58 -48.15 50.15
C SER D 133 -22.75 -49.43 50.05
N SER D 134 -23.13 -50.41 50.85
CA SER D 134 -22.42 -51.68 50.93
C SER D 134 -23.10 -52.75 50.07
N LYS D 135 -22.53 -53.00 48.88
CA LYS D 135 -23.09 -53.95 47.93
C LYS D 135 -22.24 -54.03 46.66
N THR D 141 -18.80 -52.81 41.17
CA THR D 141 -18.97 -51.37 41.00
C THR D 141 -19.62 -50.73 42.21
N ALA D 142 -19.05 -49.61 42.64
CA ALA D 142 -19.65 -48.81 43.70
C ALA D 142 -19.66 -47.35 43.26
N ALA D 143 -20.81 -46.69 43.45
CA ALA D 143 -20.95 -45.28 43.11
C ALA D 143 -20.82 -44.43 44.36
N LEU D 144 -20.06 -43.35 44.24
CA LEU D 144 -20.02 -42.35 45.29
C LEU D 144 -19.92 -40.98 44.64
N GLY D 145 -20.09 -39.92 45.43
CA GLY D 145 -20.04 -38.59 44.88
C GLY D 145 -20.16 -37.50 45.90
N CYS D 146 -20.37 -36.29 45.39
CA CYS D 146 -20.52 -35.09 46.19
C CYS D 146 -21.79 -34.38 45.79
N LEU D 147 -22.34 -33.62 46.74
CA LEU D 147 -23.48 -32.76 46.49
C LEU D 147 -23.05 -31.33 46.75
N VAL D 148 -23.01 -30.53 45.69
CA VAL D 148 -22.69 -29.10 45.80
C VAL D 148 -24.00 -28.35 45.79
N LYS D 149 -24.43 -27.88 46.97
CA LYS D 149 -25.77 -27.35 47.13
C LYS D 149 -25.80 -25.87 47.47
N ASP D 150 -26.86 -25.21 46.97
CA ASP D 150 -27.22 -23.82 47.30
C ASP D 150 -26.15 -22.75 47.00
N TYR D 151 -25.77 -22.61 45.74
CA TYR D 151 -24.83 -21.55 45.34
C TYR D 151 -25.41 -20.65 44.25
N PHE D 152 -24.77 -19.50 44.06
CA PHE D 152 -25.07 -18.60 42.94
C PHE D 152 -23.94 -17.61 42.74
N PRO D 153 -23.58 -17.32 41.48
CA PRO D 153 -24.13 -17.85 40.23
C PRO D 153 -23.35 -19.08 39.79
N GLU D 154 -23.70 -19.64 38.64
CA GLU D 154 -22.83 -20.60 37.99
C GLU D 154 -21.53 -19.87 37.63
N PRO D 155 -20.46 -20.61 37.35
CA PRO D 155 -20.31 -22.06 37.40
C PRO D 155 -19.62 -22.48 38.66
N VAL D 156 -19.60 -23.80 38.89
CA VAL D 156 -18.72 -24.37 39.89
C VAL D 156 -17.99 -25.53 39.20
N THR D 157 -16.66 -25.56 39.32
CA THR D 157 -15.90 -26.68 38.76
C THR D 157 -15.65 -27.73 39.82
N VAL D 158 -15.77 -28.99 39.42
CA VAL D 158 -15.63 -30.12 40.33
C VAL D 158 -14.63 -31.14 39.76
N SER D 159 -13.71 -31.56 40.60
CA SER D 159 -12.72 -32.56 40.20
C SER D 159 -12.56 -33.61 41.28
N TRP D 160 -12.12 -34.79 40.88
CA TRP D 160 -11.85 -35.87 41.83
C TRP D 160 -10.36 -36.12 41.96
N ASN D 161 -9.90 -36.07 43.22
CA ASN D 161 -8.52 -36.33 43.57
C ASN D 161 -7.56 -35.40 42.85
N SER D 162 -7.88 -34.10 42.87
CA SER D 162 -7.01 -33.08 42.28
C SER D 162 -6.69 -33.39 40.82
N GLY D 163 -7.61 -34.08 40.16
CA GLY D 163 -7.47 -34.38 38.75
C GLY D 163 -7.03 -35.80 38.50
N ALA D 164 -6.48 -36.43 39.52
CA ALA D 164 -5.99 -37.81 39.41
C ALA D 164 -7.09 -38.74 38.90
N LEU D 165 -8.31 -38.51 39.38
CA LEU D 165 -9.43 -39.37 39.04
C LEU D 165 -10.35 -38.68 38.03
N THR D 166 -10.52 -39.31 36.88
CA THR D 166 -11.26 -38.73 35.77
C THR D 166 -12.14 -39.77 35.12
N SER D 167 -11.63 -40.99 34.99
CA SER D 167 -12.43 -42.04 34.40
C SER D 167 -13.59 -42.35 35.31
N GLY D 168 -14.78 -42.49 34.73
CA GLY D 168 -15.96 -42.94 35.47
C GLY D 168 -16.70 -41.83 36.22
N VAL D 169 -16.28 -40.59 36.00
CA VAL D 169 -16.87 -39.43 36.63
C VAL D 169 -18.07 -38.88 35.85
N HIS D 170 -19.03 -38.32 36.58
CA HIS D 170 -20.13 -37.57 36.01
C HIS D 170 -20.40 -36.37 36.89
N THR D 171 -20.17 -35.18 36.35
CA THR D 171 -20.70 -33.99 36.97
C THR D 171 -21.97 -33.60 36.23
N PHE D 172 -23.07 -33.46 36.94
CA PHE D 172 -24.35 -33.21 36.29
C PHE D 172 -24.57 -31.72 36.12
N PRO D 173 -25.37 -31.32 35.11
CA PRO D 173 -25.73 -29.92 34.92
C PRO D 173 -26.40 -29.33 36.16
N ALA D 174 -25.99 -28.12 36.53
CA ALA D 174 -26.55 -27.50 37.72
C ALA D 174 -28.04 -27.37 37.53
N VAL D 175 -28.78 -27.53 38.63
CA VAL D 175 -30.23 -27.43 38.61
C VAL D 175 -30.64 -26.23 39.45
N LEU D 176 -31.48 -25.39 38.86
CA LEU D 176 -32.00 -24.21 39.53
C LEU D 176 -33.07 -24.60 40.54
N GLN D 177 -32.87 -24.21 41.79
CA GLN D 177 -33.81 -24.55 42.85
C GLN D 177 -34.92 -23.49 43.02
N SER D 178 -35.90 -23.81 43.86
CA SER D 178 -37.00 -22.89 44.18
C SER D 178 -36.50 -21.60 44.83
N SER D 179 -35.44 -21.71 45.61
CA SER D 179 -34.86 -20.55 46.27
C SER D 179 -34.31 -19.54 45.25
N GLY D 180 -33.88 -20.07 44.11
CA GLY D 180 -33.21 -19.28 43.11
C GLY D 180 -31.71 -19.43 43.22
N LEU D 181 -31.28 -20.39 44.04
CA LEU D 181 -29.88 -20.78 44.14
C LEU D 181 -29.67 -22.05 43.34
N TYR D 182 -28.42 -22.37 43.06
CA TYR D 182 -28.09 -23.55 42.25
C TYR D 182 -27.63 -24.73 43.10
N SER D 183 -27.93 -25.92 42.59
CA SER D 183 -27.43 -27.15 43.17
C SER D 183 -26.95 -28.08 42.06
N LEU D 184 -25.85 -28.77 42.35
CA LEU D 184 -25.18 -29.59 41.37
C LEU D 184 -24.68 -30.85 42.06
N SER D 185 -24.46 -31.90 41.29
CA SER D 185 -24.03 -33.17 41.85
C SER D 185 -22.96 -33.82 40.98
N SER D 186 -21.87 -34.25 41.59
CA SER D 186 -20.84 -35.01 40.89
C SER D 186 -20.70 -36.41 41.47
N VAL D 187 -20.75 -37.42 40.61
CA VAL D 187 -20.55 -38.79 41.05
C VAL D 187 -19.41 -39.42 40.27
N VAL D 188 -18.83 -40.48 40.83
CA VAL D 188 -17.88 -41.33 40.13
C VAL D 188 -18.14 -42.78 40.51
N THR D 189 -18.03 -43.66 39.53
CA THR D 189 -18.11 -45.09 39.79
C THR D 189 -16.69 -45.63 39.94
N VAL D 190 -16.54 -46.56 40.87
CA VAL D 190 -15.25 -47.18 41.16
C VAL D 190 -15.48 -48.63 41.54
N PRO D 191 -14.50 -49.50 41.24
CA PRO D 191 -14.56 -50.90 41.71
C PRO D 191 -14.77 -50.99 43.21
N SER D 192 -15.85 -51.66 43.62
CA SER D 192 -16.26 -51.70 45.02
C SER D 192 -15.13 -52.15 45.95
N SER D 193 -14.24 -52.96 45.42
CA SER D 193 -13.11 -53.48 46.16
C SER D 193 -12.08 -52.41 46.52
N SER D 194 -12.29 -51.20 46.01
CA SER D 194 -11.35 -50.10 46.24
C SER D 194 -11.76 -49.24 47.43
N LEU D 195 -13.00 -49.41 47.89
CA LEU D 195 -13.66 -48.43 48.77
C LEU D 195 -12.85 -47.99 49.99
N GLY D 196 -12.66 -48.88 50.95
CA GLY D 196 -11.87 -48.54 52.13
C GLY D 196 -10.41 -48.32 51.80
N THR D 197 -9.95 -48.96 50.74
CA THR D 197 -8.53 -49.04 50.41
C THR D 197 -8.02 -47.79 49.65
N GLN D 198 -8.85 -47.24 48.77
CA GLN D 198 -8.51 -46.03 48.04
C GLN D 198 -9.34 -44.85 48.54
N THR D 199 -8.66 -43.76 48.88
CA THR D 199 -9.34 -42.56 49.33
C THR D 199 -9.81 -41.77 48.10
N TYR D 200 -11.01 -41.20 48.22
CA TYR D 200 -11.64 -40.43 47.16
C TYR D 200 -12.08 -39.06 47.65
N ILE D 201 -11.53 -38.01 47.07
CA ILE D 201 -11.88 -36.64 47.45
C ILE D 201 -12.42 -35.88 46.25
N CYS D 202 -13.48 -35.10 46.47
CA CYS D 202 -13.94 -34.15 45.46
C CYS D 202 -13.49 -32.73 45.80
N ASN D 203 -12.81 -32.10 44.85
CA ASN D 203 -12.42 -30.70 44.94
C ASN D 203 -13.46 -29.84 44.26
N VAL D 204 -13.97 -28.86 45.00
CA VAL D 204 -15.00 -27.97 44.50
C VAL D 204 -14.52 -26.53 44.58
N ASN D 205 -14.52 -25.85 43.44
CA ASN D 205 -14.22 -24.43 43.41
C ASN D 205 -15.36 -23.62 42.83
N HIS D 206 -15.78 -22.62 43.59
CA HIS D 206 -16.78 -21.65 43.16
C HIS D 206 -16.17 -20.24 43.24
N LYS D 207 -15.59 -19.81 42.13
CA LYS D 207 -14.74 -18.62 42.09
C LYS D 207 -15.43 -17.30 42.50
N PRO D 208 -16.70 -17.09 42.10
CA PRO D 208 -17.46 -15.91 42.53
C PRO D 208 -17.41 -15.64 44.04
N SER D 209 -17.60 -16.69 44.83
CA SER D 209 -17.56 -16.59 46.28
C SER D 209 -16.19 -16.98 46.85
N ASN D 210 -15.23 -17.25 45.96
CA ASN D 210 -13.87 -17.61 46.36
C ASN D 210 -13.83 -18.77 47.36
N THR D 211 -14.71 -19.73 47.15
CA THR D 211 -14.74 -20.92 47.99
C THR D 211 -14.11 -22.11 47.25
N LYS D 212 -12.91 -22.47 47.67
CA LYS D 212 -12.28 -23.73 47.26
C LYS D 212 -12.41 -24.74 48.41
N VAL D 213 -12.93 -25.92 48.10
CA VAL D 213 -13.25 -26.92 49.11
C VAL D 213 -12.84 -28.32 48.64
N ASP D 214 -12.32 -29.10 49.58
CA ASP D 214 -11.96 -30.49 49.34
C ASP D 214 -12.65 -31.35 50.39
N LYS D 215 -13.49 -32.28 49.97
CA LYS D 215 -14.27 -33.12 50.89
C LYS D 215 -14.06 -34.61 50.59
N ARG D 216 -13.55 -35.36 51.56
CA ARG D 216 -13.32 -36.80 51.41
C ARG D 216 -14.63 -37.56 51.59
N VAL D 217 -14.85 -38.54 50.73
CA VAL D 217 -16.08 -39.34 50.71
C VAL D 217 -15.76 -40.76 51.16
N GLU D 218 -16.32 -41.18 52.29
CA GLU D 218 -15.95 -42.45 52.92
C GLU D 218 -17.09 -43.46 52.91
#